data_6FYS
#
_entry.id   6FYS
#
_cell.length_a   63.960
_cell.length_b   85.700
_cell.length_c   103.780
_cell.angle_alpha   90.00
_cell.angle_beta   93.96
_cell.angle_gamma   90.00
#
_symmetry.space_group_name_H-M   'P 1 21 1'
#
loop_
_entity.id
_entity.type
_entity.pdbx_description
1 polymer 'Single domain antibody SD83'
2 non-polymer 1,2-ETHANEDIOL
3 water water
#
_entity_poly.entity_id   1
_entity_poly.type   'polypeptide(L)'
_entity_poly.pdbx_seq_one_letter_code
;EVQLVESGGGLVQPGGSLRLSCAATGFTLENKAIGWFRQTPGSEREGVLCISKSGSWTYYTDSMRGRFTISRDNAENTVY
LQMDSLKPEDTAVYYCATTTAGGGLCWDGTTFSRLASSWGQGTQVTVSS
;
_entity_poly.pdbx_strand_id   C,A,B,D,E,F,G,H
#
# COMPACT_ATOMS: atom_id res chain seq x y z
N VAL A 2 30.98 4.57 11.82
CA VAL A 2 30.55 3.39 11.08
C VAL A 2 29.04 3.39 10.88
N GLN A 3 28.57 2.93 9.72
CA GLN A 3 27.14 3.01 9.41
C GLN A 3 26.76 1.98 8.36
N LEU A 4 25.46 1.67 8.33
CA LEU A 4 24.84 0.84 7.31
C LEU A 4 23.87 1.70 6.51
N VAL A 5 24.03 1.70 5.19
CA VAL A 5 23.22 2.55 4.31
C VAL A 5 22.40 1.66 3.40
N GLU A 6 21.09 1.85 3.40
CA GLU A 6 20.18 1.07 2.59
C GLU A 6 19.77 1.81 1.32
N SER A 7 19.35 1.04 0.33
N SER A 7 19.40 1.03 0.31
CA SER A 7 18.76 1.58 -0.89
CA SER A 7 18.89 1.55 -0.96
C SER A 7 18.13 0.42 -1.64
C SER A 7 18.17 0.41 -1.66
N GLY A 8 17.59 0.72 -2.82
CA GLY A 8 16.90 -0.27 -3.62
C GLY A 8 15.42 -0.40 -3.34
N GLY A 9 14.85 0.45 -2.47
CA GLY A 9 13.42 0.41 -2.25
C GLY A 9 12.64 0.93 -3.46
N GLY A 10 11.32 0.79 -3.40
CA GLY A 10 10.52 1.35 -4.47
C GLY A 10 9.09 0.85 -4.42
N LEU A 11 8.38 1.10 -5.51
CA LEU A 11 6.95 0.83 -5.60
C LEU A 11 6.67 0.13 -6.91
N VAL A 12 6.11 -1.08 -6.85
CA VAL A 12 5.92 -1.92 -8.04
C VAL A 12 4.56 -2.61 -7.94
N GLN A 13 4.09 -3.12 -9.08
CA GLN A 13 2.87 -3.92 -9.07
C GLN A 13 3.16 -5.29 -8.49
N PRO A 14 2.13 -6.00 -8.02
CA PRO A 14 2.30 -7.39 -7.60
C PRO A 14 2.93 -8.23 -8.72
N GLY A 15 3.76 -9.20 -8.33
CA GLY A 15 4.52 -9.98 -9.27
C GLY A 15 5.88 -9.42 -9.63
N GLY A 16 6.12 -8.16 -9.36
CA GLY A 16 7.42 -7.57 -9.61
C GLY A 16 8.47 -8.07 -8.62
N SER A 17 9.66 -7.49 -8.73
N SER A 17 9.67 -7.52 -8.77
CA SER A 17 10.74 -7.84 -7.84
CA SER A 17 10.83 -7.85 -7.95
C SER A 17 11.57 -6.60 -7.58
C SER A 17 11.55 -6.58 -7.58
N LEU A 18 12.27 -6.62 -6.46
CA LEU A 18 13.13 -5.54 -6.02
C LEU A 18 14.38 -6.16 -5.40
N ARG A 19 15.43 -5.37 -5.31
CA ARG A 19 16.65 -5.85 -4.68
C ARG A 19 17.13 -4.76 -3.74
N LEU A 20 17.09 -5.03 -2.44
CA LEU A 20 17.58 -4.06 -1.48
C LEU A 20 19.08 -4.25 -1.23
N SER A 21 19.76 -3.15 -0.93
CA SER A 21 21.18 -3.20 -0.63
C SER A 21 21.43 -2.66 0.78
N CYS A 22 22.44 -3.24 1.44
CA CYS A 22 22.88 -2.84 2.77
C CYS A 22 24.39 -2.64 2.68
N ALA A 23 24.82 -1.39 2.67
CA ALA A 23 26.20 -1.04 2.41
C ALA A 23 26.85 -0.52 3.69
N ALA A 24 28.02 -1.05 4.01
CA ALA A 24 28.73 -0.68 5.22
C ALA A 24 29.80 0.36 4.90
N THR A 25 29.84 1.41 5.71
CA THR A 25 30.93 2.39 5.70
C THR A 25 31.72 2.24 6.99
N GLY A 26 33.01 1.90 6.86
CA GLY A 26 33.91 1.88 8.00
C GLY A 26 34.29 0.50 8.47
N PHE A 27 33.62 -0.55 8.02
CA PHE A 27 33.94 -1.90 8.47
C PHE A 27 33.61 -2.87 7.35
N THR A 28 34.15 -4.09 7.44
CA THR A 28 34.09 -5.08 6.36
C THR A 28 33.01 -6.11 6.71
N LEU A 29 31.97 -6.21 5.88
CA LEU A 29 30.87 -7.11 6.22
C LEU A 29 31.27 -8.58 6.16
N GLU A 30 32.44 -8.90 5.59
CA GLU A 30 32.85 -10.28 5.39
C GLU A 30 32.92 -11.07 6.70
N ASN A 31 33.08 -10.37 7.83
CA ASN A 31 33.22 -10.98 9.15
C ASN A 31 31.96 -10.87 10.00
N LYS A 32 30.82 -10.46 9.43
CA LYS A 32 29.64 -10.21 10.24
C LYS A 32 28.42 -10.91 9.66
N ALA A 33 27.39 -11.05 10.49
CA ALA A 33 26.08 -11.49 10.08
C ALA A 33 25.19 -10.27 9.83
N ILE A 34 24.44 -10.31 8.73
CA ILE A 34 23.54 -9.21 8.39
C ILE A 34 22.13 -9.79 8.32
N GLY A 35 21.22 -9.18 9.06
CA GLY A 35 19.84 -9.64 9.09
C GLY A 35 18.92 -8.56 8.58
N TRP A 36 17.83 -8.98 7.96
CA TRP A 36 16.84 -8.08 7.41
C TRP A 36 15.56 -8.25 8.19
N PHE A 37 14.89 -7.13 8.42
CA PHE A 37 13.63 -7.05 9.15
C PHE A 37 12.69 -6.11 8.41
N ARG A 38 11.39 -6.32 8.61
CA ARG A 38 10.38 -5.41 8.07
C ARG A 38 9.50 -4.92 9.21
N GLN A 39 8.95 -3.72 9.03
CA GLN A 39 8.08 -3.11 10.02
C GLN A 39 7.08 -2.18 9.35
N THR A 40 5.83 -2.26 9.79
CA THR A 40 4.86 -1.22 9.45
C THR A 40 4.52 -0.44 10.73
N PRO A 41 4.18 0.85 10.64
CA PRO A 41 3.98 1.64 11.86
C PRO A 41 2.83 1.09 12.68
N GLY A 42 3.03 1.03 13.99
CA GLY A 42 2.02 0.44 14.84
C GLY A 42 2.10 -1.05 14.97
N SER A 43 3.15 -1.68 14.42
CA SER A 43 3.36 -3.12 14.56
C SER A 43 4.83 -3.35 14.88
N GLU A 44 5.12 -4.53 15.40
CA GLU A 44 6.49 -4.83 15.78
C GLU A 44 7.28 -5.28 14.56
N ARG A 45 8.59 -4.97 14.56
CA ARG A 45 9.48 -5.47 13.54
C ARG A 45 9.38 -6.98 13.46
N GLU A 46 9.65 -7.53 12.27
CA GLU A 46 9.66 -8.96 12.15
C GLU A 46 10.81 -9.37 11.26
N GLY A 47 11.47 -10.45 11.65
CA GLY A 47 12.62 -10.90 10.89
C GLY A 47 12.23 -11.39 9.51
N VAL A 48 13.14 -11.20 8.57
CA VAL A 48 12.95 -11.79 7.25
C VAL A 48 13.99 -12.87 7.03
N LEU A 49 15.23 -12.47 6.82
CA LEU A 49 16.28 -13.39 6.41
C LEU A 49 17.62 -12.83 6.84
N CYS A 50 18.52 -13.72 7.25
CA CYS A 50 19.83 -13.32 7.74
C CYS A 50 20.88 -14.18 7.06
N ILE A 51 22.04 -13.60 6.79
CA ILE A 51 23.18 -14.34 6.28
C ILE A 51 24.29 -14.26 7.31
N SER A 52 24.87 -15.42 7.65
CA SER A 52 25.89 -15.42 8.71
C SER A 52 27.26 -15.11 8.12
N LYS A 53 28.24 -14.91 9.02
CA LYS A 53 29.61 -14.70 8.57
C LYS A 53 30.08 -15.83 7.68
N SER A 54 29.71 -17.06 8.01
CA SER A 54 30.13 -18.18 7.17
C SER A 54 29.27 -18.35 5.94
N GLY A 55 28.24 -17.53 5.73
CA GLY A 55 27.43 -17.65 4.54
C GLY A 55 26.19 -18.50 4.62
N SER A 56 25.83 -19.04 5.78
CA SER A 56 24.57 -19.77 5.85
C SER A 56 23.40 -18.78 5.86
N TRP A 57 22.26 -19.24 5.35
CA TRP A 57 21.05 -18.42 5.32
C TRP A 57 20.12 -18.91 6.42
N THR A 58 19.70 -18.01 7.29
CA THR A 58 18.70 -18.32 8.29
C THR A 58 17.41 -17.57 7.97
N TYR A 59 16.33 -18.31 7.74
CA TYR A 59 15.02 -17.72 7.47
C TYR A 59 14.29 -17.48 8.79
N TYR A 60 14.09 -16.21 9.13
CA TYR A 60 13.24 -15.86 10.26
C TYR A 60 11.76 -16.03 9.88
N THR A 61 11.37 -15.58 8.69
CA THR A 61 10.01 -15.81 8.22
C THR A 61 9.83 -17.28 7.86
N ASP A 62 8.61 -17.78 8.01
CA ASP A 62 8.25 -19.08 7.45
C ASP A 62 7.37 -18.94 6.22
N SER A 63 7.25 -17.73 5.68
CA SER A 63 6.35 -17.47 4.56
C SER A 63 7.15 -17.17 3.31
N MET A 64 6.88 -17.93 2.24
CA MET A 64 7.37 -17.62 0.91
C MET A 64 8.89 -17.58 0.85
N ARG A 65 9.54 -18.56 1.47
CA ARG A 65 10.99 -18.53 1.64
C ARG A 65 11.70 -18.44 0.30
N GLY A 66 11.19 -19.13 -0.71
CA GLY A 66 11.82 -19.15 -2.00
C GLY A 66 11.82 -17.81 -2.72
N ARG A 67 11.00 -16.87 -2.27
CA ARG A 67 10.95 -15.55 -2.90
C ARG A 67 12.10 -14.65 -2.45
N PHE A 68 12.63 -14.87 -1.26
CA PHE A 68 13.66 -14.01 -0.67
C PHE A 68 15.01 -14.67 -0.82
N THR A 69 15.97 -13.97 -1.41
CA THR A 69 17.33 -14.48 -1.45
C THR A 69 18.31 -13.41 -0.98
N ILE A 70 19.47 -13.86 -0.51
CA ILE A 70 20.42 -12.95 0.12
C ILE A 70 21.80 -13.25 -0.40
N SER A 71 22.61 -12.21 -0.55
CA SER A 71 23.96 -12.39 -1.07
C SER A 71 24.87 -11.33 -0.47
N ARG A 72 26.16 -11.64 -0.48
CA ARG A 72 27.18 -10.75 0.07
C ARG A 72 28.18 -10.47 -1.04
N ASP A 73 28.45 -9.19 -1.29
CA ASP A 73 29.44 -8.75 -2.24
C ASP A 73 30.56 -8.10 -1.43
N ASN A 74 31.67 -8.81 -1.27
CA ASN A 74 32.78 -8.30 -0.46
C ASN A 74 33.53 -7.19 -1.17
N ALA A 75 33.67 -7.28 -2.51
CA ALA A 75 34.32 -6.20 -3.25
C ALA A 75 33.61 -4.87 -3.03
N GLU A 76 32.28 -4.88 -2.87
CA GLU A 76 31.53 -3.67 -2.63
C GLU A 76 31.17 -3.44 -1.17
N ASN A 77 31.53 -4.37 -0.27
CA ASN A 77 31.19 -4.30 1.16
C ASN A 77 29.69 -4.08 1.38
N THR A 78 28.90 -4.91 0.71
CA THR A 78 27.45 -4.74 0.62
C THR A 78 26.78 -6.10 0.71
N VAL A 79 25.62 -6.13 1.36
CA VAL A 79 24.75 -7.29 1.35
C VAL A 79 23.46 -6.93 0.64
N TYR A 80 22.92 -7.87 -0.13
CA TYR A 80 21.74 -7.64 -0.96
C TYR A 80 20.61 -8.57 -0.56
N LEU A 81 19.39 -8.04 -0.51
CA LEU A 81 18.19 -8.84 -0.28
C LEU A 81 17.32 -8.76 -1.53
N GLN A 82 17.25 -9.85 -2.28
CA GLN A 82 16.40 -9.89 -3.46
C GLN A 82 15.03 -10.44 -3.08
N MET A 83 13.98 -9.75 -3.50
CA MET A 83 12.61 -10.11 -3.22
C MET A 83 11.84 -10.28 -4.53
N ASP A 84 11.49 -11.53 -4.85
CA ASP A 84 10.76 -11.85 -6.09
C ASP A 84 9.29 -12.12 -5.78
N SER A 85 8.48 -12.13 -6.84
CA SER A 85 7.04 -12.43 -6.77
C SER A 85 6.35 -11.60 -5.69
N LEU A 86 6.54 -10.28 -5.76
CA LEU A 86 6.10 -9.42 -4.66
C LEU A 86 4.57 -9.39 -4.58
N LYS A 87 4.05 -9.30 -3.36
CA LYS A 87 2.63 -9.27 -3.07
C LYS A 87 2.31 -8.06 -2.21
N PRO A 88 1.06 -7.60 -2.24
CA PRO A 88 0.70 -6.41 -1.43
C PRO A 88 1.04 -6.55 0.04
N GLU A 89 0.94 -7.76 0.60
CA GLU A 89 1.26 -8.00 2.01
C GLU A 89 2.74 -7.76 2.31
N ASP A 90 3.59 -7.66 1.29
CA ASP A 90 5.00 -7.38 1.47
C ASP A 90 5.29 -5.91 1.72
N THR A 91 4.30 -5.04 1.60
CA THR A 91 4.49 -3.62 1.75
C THR A 91 4.92 -3.31 3.18
N ALA A 92 6.05 -2.61 3.35
CA ALA A 92 6.55 -2.33 4.70
C ALA A 92 7.82 -1.50 4.55
N VAL A 93 8.34 -1.04 5.68
CA VAL A 93 9.70 -0.49 5.72
C VAL A 93 10.65 -1.64 6.01
N TYR A 94 11.74 -1.74 5.24
CA TYR A 94 12.73 -2.80 5.40
C TYR A 94 14.03 -2.23 5.96
N TYR A 95 14.58 -2.92 6.97
CA TYR A 95 15.83 -2.54 7.65
C TYR A 95 16.86 -3.66 7.56
N CYS A 96 18.11 -3.30 7.35
CA CYS A 96 19.17 -4.25 7.62
C CYS A 96 19.81 -3.96 8.98
N ALA A 97 20.54 -4.93 9.50
CA ALA A 97 21.11 -4.77 10.83
C ALA A 97 22.27 -5.73 11.01
N THR A 98 23.22 -5.32 11.85
CA THR A 98 24.40 -6.11 12.14
C THR A 98 24.69 -5.98 13.64
N THR A 99 25.30 -7.01 14.21
CA THR A 99 25.63 -7.00 15.62
C THR A 99 27.15 -7.09 15.80
N THR A 100 27.67 -6.41 16.81
CA THR A 100 29.04 -6.66 17.21
C THR A 100 29.12 -7.79 18.22
N ALA A 101 28.25 -7.78 19.22
CA ALA A 101 28.03 -8.98 20.00
C ALA A 101 27.41 -10.07 19.11
N GLY A 102 27.35 -11.28 19.64
CA GLY A 102 26.75 -12.37 18.88
C GLY A 102 27.65 -13.06 17.89
N GLY A 103 28.83 -12.49 17.59
CA GLY A 103 29.92 -13.13 16.87
C GLY A 103 29.59 -13.77 15.54
N GLY A 104 28.96 -13.01 14.64
CA GLY A 104 28.77 -13.46 13.27
C GLY A 104 27.69 -14.51 13.08
N LEU A 105 26.83 -14.70 14.07
CA LEU A 105 25.73 -15.66 14.01
C LEU A 105 24.43 -14.96 13.76
N CYS A 106 23.48 -15.69 13.16
CA CYS A 106 22.16 -15.17 12.90
C CYS A 106 21.20 -15.29 14.08
N TRP A 107 21.47 -16.17 15.05
CA TRP A 107 20.57 -16.34 16.19
C TRP A 107 19.16 -16.64 15.70
N ASP A 108 18.15 -16.11 16.35
CA ASP A 108 16.81 -16.05 15.77
C ASP A 108 16.41 -14.59 15.66
N GLY A 109 15.20 -14.35 15.14
CA GLY A 109 14.81 -13.00 14.76
C GLY A 109 14.75 -12.04 15.93
N THR A 110 14.09 -12.43 17.02
CA THR A 110 13.98 -11.55 18.18
C THR A 110 15.33 -11.27 18.81
N THR A 111 16.17 -12.31 18.97
CA THR A 111 17.48 -12.11 19.56
C THR A 111 18.33 -11.19 18.71
N PHE A 112 18.41 -11.45 17.39
CA PHE A 112 19.27 -10.65 16.54
C PHE A 112 18.81 -9.19 16.55
N SER A 113 17.50 -8.95 16.53
CA SER A 113 17.03 -7.57 16.47
C SER A 113 17.33 -6.84 17.76
N ARG A 114 17.24 -7.51 18.89
CA ARG A 114 17.58 -6.89 20.18
C ARG A 114 19.08 -6.72 20.36
N LEU A 115 19.90 -7.64 19.85
CA LEU A 115 21.34 -7.49 19.96
C LEU A 115 21.93 -6.49 19.00
N ALA A 116 21.22 -6.13 17.91
CA ALA A 116 21.84 -5.40 16.82
C ALA A 116 22.44 -4.08 17.31
N SER A 117 23.66 -3.81 16.87
CA SER A 117 24.38 -2.60 17.22
C SER A 117 24.36 -1.53 16.13
N SER A 118 24.21 -1.90 14.85
CA SER A 118 24.05 -0.95 13.76
C SER A 118 22.78 -1.27 13.00
N TRP A 119 22.00 -0.23 12.68
CA TRP A 119 20.78 -0.35 11.89
C TRP A 119 20.91 0.48 10.60
N GLY A 120 20.35 -0.03 9.51
CA GLY A 120 20.18 0.80 8.34
C GLY A 120 19.10 1.85 8.58
N GLN A 121 19.03 2.85 7.69
CA GLN A 121 18.08 3.92 7.92
C GLN A 121 16.65 3.54 7.53
N GLY A 122 16.45 2.38 6.90
CA GLY A 122 15.11 1.97 6.55
C GLY A 122 14.77 2.36 5.12
N THR A 123 14.13 1.47 4.35
CA THR A 123 13.74 1.79 2.98
C THR A 123 12.33 1.27 2.71
N GLN A 124 11.53 2.09 2.05
CA GLN A 124 10.14 1.78 1.81
C GLN A 124 10.01 0.83 0.62
N VAL A 125 9.28 -0.26 0.82
CA VAL A 125 8.90 -1.20 -0.24
C VAL A 125 7.37 -1.23 -0.30
N THR A 126 6.81 -0.86 -1.45
CA THR A 126 5.36 -0.81 -1.62
C THR A 126 4.97 -1.63 -2.83
N VAL A 127 3.97 -2.50 -2.67
CA VAL A 127 3.48 -3.35 -3.74
C VAL A 127 2.01 -2.99 -3.91
N SER A 128 1.68 -2.39 -5.04
CA SER A 128 0.33 -1.86 -5.21
C SER A 128 -0.26 -2.28 -6.55
N GLN B 3 13.98 22.34 -13.37
CA GLN B 3 13.67 21.00 -12.88
C GLN B 3 13.35 21.02 -11.37
N LEU B 4 12.57 20.05 -10.91
CA LEU B 4 11.93 20.12 -9.60
C LEU B 4 12.27 18.91 -8.75
N VAL B 5 12.53 19.18 -7.48
CA VAL B 5 12.94 18.17 -6.50
C VAL B 5 11.80 17.95 -5.52
N GLU B 6 11.39 16.69 -5.36
CA GLU B 6 10.34 16.30 -4.44
C GLU B 6 10.89 15.62 -3.21
N SER B 7 10.19 15.81 -2.08
N SER B 7 10.19 15.83 -2.08
CA SER B 7 10.50 15.08 -0.86
CA SER B 7 10.52 15.17 -0.82
C SER B 7 9.23 15.05 0.00
C SER B 7 9.24 15.10 0.01
N GLY B 8 9.37 14.56 1.22
CA GLY B 8 8.24 14.48 2.13
C GLY B 8 7.37 13.24 2.00
N GLY B 9 7.70 12.31 1.11
CA GLY B 9 6.94 11.07 1.03
C GLY B 9 7.20 10.22 2.27
N GLY B 10 6.48 9.11 2.39
CA GLY B 10 6.73 8.21 3.48
C GLY B 10 5.63 7.17 3.61
N LEU B 11 5.67 6.47 4.74
CA LEU B 11 4.79 5.34 5.02
C LEU B 11 4.18 5.55 6.39
N VAL B 12 2.85 5.68 6.46
CA VAL B 12 2.15 5.96 7.71
C VAL B 12 0.92 5.06 7.79
N GLN B 13 0.33 4.97 9.00
CA GLN B 13 -0.92 4.25 9.15
C GLN B 13 -2.09 5.10 8.65
N PRO B 14 -3.24 4.48 8.37
CA PRO B 14 -4.42 5.28 7.98
C PRO B 14 -4.77 6.29 9.07
N GLY B 15 -5.31 7.42 8.64
CA GLY B 15 -5.57 8.53 9.51
C GLY B 15 -4.41 9.49 9.66
N GLY B 16 -3.19 9.09 9.29
CA GLY B 16 -2.06 9.98 9.36
C GLY B 16 -2.13 11.11 8.32
N SER B 17 -1.12 11.98 8.39
CA SER B 17 -0.91 13.08 7.46
C SER B 17 0.52 13.04 6.93
N LEU B 18 0.71 13.62 5.74
CA LEU B 18 2.03 13.88 5.18
C LEU B 18 2.01 15.23 4.51
N ARG B 19 3.20 15.78 4.27
CA ARG B 19 3.31 17.03 3.52
C ARG B 19 4.46 16.90 2.53
N LEU B 20 4.12 16.80 1.25
CA LEU B 20 5.09 16.71 0.16
C LEU B 20 5.59 18.10 -0.22
N SER B 21 6.81 18.16 -0.74
CA SER B 21 7.36 19.45 -1.14
C SER B 21 7.83 19.35 -2.60
N CYS B 22 7.75 20.49 -3.28
CA CYS B 22 8.21 20.62 -4.67
C CYS B 22 9.12 21.85 -4.69
N ALA B 23 10.41 21.63 -4.90
CA ALA B 23 11.41 22.69 -4.83
C ALA B 23 12.06 22.88 -6.19
N ALA B 24 12.27 24.13 -6.58
CA ALA B 24 12.84 24.45 -7.88
C ALA B 24 14.31 24.82 -7.70
N THR B 25 15.19 24.08 -8.37
CA THR B 25 16.62 24.29 -8.31
C THR B 25 17.00 25.75 -8.60
N GLY B 26 16.69 26.22 -9.81
CA GLY B 26 17.15 27.52 -10.26
C GLY B 26 16.07 28.56 -10.52
N PHE B 27 15.19 28.30 -11.48
CA PHE B 27 14.16 29.29 -11.80
C PHE B 27 13.18 29.43 -10.64
N THR B 28 12.52 30.57 -10.59
CA THR B 28 11.59 30.84 -9.52
C THR B 28 10.29 30.09 -9.73
N LEU B 29 9.53 29.92 -8.64
CA LEU B 29 8.20 29.33 -8.69
C LEU B 29 7.09 30.29 -8.35
N GLU B 30 7.43 31.51 -7.92
CA GLU B 30 6.41 32.47 -7.52
C GLU B 30 5.48 32.83 -8.68
N ASN B 31 5.95 32.66 -9.93
CA ASN B 31 5.21 33.09 -11.11
C ASN B 31 4.68 31.92 -11.93
N LYS B 32 4.69 30.70 -11.39
CA LYS B 32 4.24 29.54 -12.12
C LYS B 32 3.07 28.87 -11.40
N ALA B 33 2.33 28.07 -12.17
CA ALA B 33 1.35 27.14 -11.63
C ALA B 33 2.02 25.80 -11.36
N ILE B 34 1.72 25.20 -10.22
CA ILE B 34 2.29 23.90 -9.86
C ILE B 34 1.14 22.96 -9.59
N GLY B 35 1.10 21.85 -10.32
CA GLY B 35 0.06 20.85 -10.17
C GLY B 35 0.64 19.57 -9.62
N TRP B 36 -0.19 18.82 -8.92
CA TRP B 36 0.20 17.55 -8.31
C TRP B 36 -0.65 16.45 -8.91
N PHE B 37 0.00 15.33 -9.18
CA PHE B 37 -0.57 14.14 -9.77
C PHE B 37 -0.11 12.93 -8.99
N ARG B 38 -0.92 11.87 -9.02
CA ARG B 38 -0.52 10.60 -8.44
C ARG B 38 -0.58 9.52 -9.51
N GLN B 39 0.18 8.44 -9.29
CA GLN B 39 0.22 7.36 -10.26
C GLN B 39 0.70 6.09 -9.61
N THR B 40 0.05 4.99 -9.95
CA THR B 40 0.66 3.71 -9.66
C THR B 40 1.05 3.03 -10.98
N PRO B 41 2.09 2.20 -10.99
CA PRO B 41 2.52 1.55 -12.23
C PRO B 41 1.38 0.75 -12.85
N GLY B 42 1.22 0.91 -14.15
CA GLY B 42 0.17 0.21 -14.84
C GLY B 42 -1.16 0.93 -14.87
N SER B 43 -1.25 2.12 -14.27
CA SER B 43 -2.44 2.95 -14.29
C SER B 43 -2.07 4.34 -14.78
N GLU B 44 -3.07 5.07 -15.25
CA GLU B 44 -2.80 6.41 -15.74
C GLU B 44 -2.67 7.38 -14.58
N ARG B 45 -1.85 8.42 -14.80
CA ARG B 45 -1.80 9.57 -13.90
C ARG B 45 -3.19 10.07 -13.57
N GLU B 46 -3.32 10.68 -12.39
CA GLU B 46 -4.56 11.30 -11.96
C GLU B 46 -4.21 12.61 -11.28
N GLY B 47 -4.88 13.70 -11.68
CA GLY B 47 -4.59 14.98 -11.07
C GLY B 47 -5.10 15.04 -9.63
N VAL B 48 -4.41 15.80 -8.81
CA VAL B 48 -4.89 16.02 -7.44
C VAL B 48 -5.28 17.48 -7.29
N LEU B 49 -4.29 18.36 -7.26
CA LEU B 49 -4.52 19.73 -6.86
C LEU B 49 -3.43 20.58 -7.47
N CYS B 50 -3.80 21.79 -7.91
CA CYS B 50 -2.90 22.73 -8.54
C CYS B 50 -3.06 24.10 -7.90
N ILE B 51 -1.95 24.85 -7.82
CA ILE B 51 -1.99 26.22 -7.35
C ILE B 51 -1.50 27.13 -8.46
N SER B 52 -2.22 28.24 -8.69
CA SER B 52 -1.87 29.12 -9.80
C SER B 52 -0.89 30.21 -9.37
N LYS B 53 -0.43 30.97 -10.36
CA LYS B 53 0.44 32.11 -10.08
C LYS B 53 -0.23 33.07 -9.12
N SER B 54 -1.52 33.34 -9.30
CA SER B 54 -2.26 34.21 -8.41
C SER B 54 -2.61 33.55 -7.08
N GLY B 55 -2.31 32.26 -6.92
CA GLY B 55 -2.66 31.58 -5.68
C GLY B 55 -4.04 30.97 -5.64
N SER B 56 -4.76 30.92 -6.75
CA SER B 56 -6.00 30.15 -6.75
C SER B 56 -5.70 28.66 -6.64
N TRP B 57 -6.59 27.93 -5.97
CA TRP B 57 -6.51 26.49 -5.87
C TRP B 57 -7.48 25.87 -6.85
N THR B 58 -7.00 24.99 -7.72
CA THR B 58 -7.85 24.20 -8.60
C THR B 58 -7.81 22.74 -8.19
N TYR B 59 -8.97 22.16 -7.85
CA TYR B 59 -9.04 20.75 -7.51
C TYR B 59 -9.26 19.95 -8.79
N TYR B 60 -8.29 19.10 -9.13
CA TYR B 60 -8.51 18.18 -10.22
C TYR B 60 -9.38 17.01 -9.78
N THR B 61 -9.17 16.53 -8.57
CA THR B 61 -9.96 15.42 -8.08
C THR B 61 -11.34 15.92 -7.65
N ASP B 62 -12.33 15.06 -7.76
CA ASP B 62 -13.69 15.40 -7.38
C ASP B 62 -14.07 14.76 -6.06
N SER B 63 -13.09 14.27 -5.30
CA SER B 63 -13.35 13.42 -4.17
C SER B 63 -12.46 13.84 -3.00
N MET B 64 -13.08 13.97 -1.83
CA MET B 64 -12.33 14.19 -0.58
C MET B 64 -11.42 15.40 -0.67
N ARG B 65 -11.93 16.45 -1.31
CA ARG B 65 -11.16 17.67 -1.56
C ARG B 65 -10.58 18.25 -0.28
N GLY B 66 -11.36 18.24 0.80
CA GLY B 66 -10.92 18.86 2.03
C GLY B 66 -9.69 18.24 2.65
N ARG B 67 -9.31 17.03 2.23
CA ARG B 67 -8.13 16.41 2.79
C ARG B 67 -6.84 16.94 2.18
N PHE B 68 -6.91 17.66 1.06
CA PHE B 68 -5.72 18.07 0.31
C PHE B 68 -5.63 19.58 0.32
N THR B 69 -4.46 20.10 0.71
CA THR B 69 -4.25 21.54 0.71
C THR B 69 -2.88 21.82 0.14
N ILE B 70 -2.68 23.05 -0.31
CA ILE B 70 -1.48 23.39 -1.05
C ILE B 70 -1.07 24.80 -0.68
N SER B 71 0.23 25.06 -0.73
CA SER B 71 0.68 26.39 -0.38
C SER B 71 2.00 26.65 -1.08
N ARG B 72 2.36 27.93 -1.14
CA ARG B 72 3.57 28.37 -1.81
C ARG B 72 4.40 29.17 -0.83
N ASP B 73 5.67 28.78 -0.69
CA ASP B 73 6.64 29.50 0.15
C ASP B 73 7.62 30.18 -0.80
N ASN B 74 7.39 31.47 -1.05
CA ASN B 74 8.24 32.21 -1.98
C ASN B 74 9.68 32.29 -1.48
N ALA B 75 9.85 32.45 -0.16
CA ALA B 75 11.18 32.55 0.43
C ALA B 75 11.99 31.27 0.24
N GLU B 76 11.34 30.12 0.09
CA GLU B 76 12.06 28.88 -0.15
C GLU B 76 11.99 28.41 -1.59
N ASN B 77 11.25 29.09 -2.46
CA ASN B 77 10.97 28.65 -3.82
C ASN B 77 10.38 27.23 -3.82
N THR B 78 9.40 27.02 -2.94
CA THR B 78 8.84 25.71 -2.68
C THR B 78 7.32 25.77 -2.69
N VAL B 79 6.70 24.70 -3.20
CA VAL B 79 5.27 24.46 -3.07
C VAL B 79 5.05 23.16 -2.29
N TYR B 80 4.10 23.19 -1.36
CA TYR B 80 3.78 22.03 -0.53
C TYR B 80 2.37 21.52 -0.82
N LEU B 81 2.21 20.20 -0.78
CA LEU B 81 0.92 19.53 -0.86
C LEU B 81 0.71 18.77 0.45
N GLN B 82 -0.21 19.24 1.28
CA GLN B 82 -0.48 18.54 2.53
C GLN B 82 -1.67 17.62 2.32
N MET B 83 -1.54 16.39 2.82
CA MET B 83 -2.57 15.37 2.70
C MET B 83 -2.92 14.83 4.08
N ASP B 84 -4.16 15.05 4.52
CA ASP B 84 -4.64 14.65 5.84
C ASP B 84 -5.59 13.47 5.74
N SER B 85 -5.77 12.82 6.90
CA SER B 85 -6.69 11.67 7.06
C SER B 85 -6.46 10.65 5.95
N LEU B 86 -5.21 10.22 5.83
CA LEU B 86 -4.80 9.35 4.72
C LEU B 86 -5.48 7.99 4.84
N LYS B 87 -5.77 7.41 3.68
CA LYS B 87 -6.44 6.13 3.51
C LYS B 87 -5.60 5.21 2.65
N PRO B 88 -5.80 3.89 2.75
CA PRO B 88 -4.97 2.96 1.95
C PRO B 88 -5.00 3.25 0.46
N GLU B 89 -6.13 3.75 -0.06
CA GLU B 89 -6.29 4.06 -1.47
C GLU B 89 -5.46 5.25 -1.93
N ASP B 90 -4.92 6.05 -1.01
CA ASP B 90 -4.03 7.16 -1.35
C ASP B 90 -2.62 6.71 -1.70
N THR B 91 -2.30 5.44 -1.49
CA THR B 91 -0.96 4.92 -1.78
C THR B 91 -0.67 5.06 -3.27
N ALA B 92 0.40 5.78 -3.60
CA ALA B 92 0.76 6.00 -5.01
C ALA B 92 2.12 6.69 -5.03
N VAL B 93 2.67 6.88 -6.23
CA VAL B 93 3.77 7.82 -6.40
C VAL B 93 3.17 9.18 -6.70
N TYR B 94 3.67 10.22 -6.04
CA TYR B 94 3.13 11.57 -6.21
C TYR B 94 4.16 12.43 -6.91
N TYR B 95 3.71 13.17 -7.94
CA TYR B 95 4.57 14.03 -8.76
C TYR B 95 4.07 15.46 -8.75
N CYS B 96 4.99 16.40 -8.71
CA CYS B 96 4.65 17.77 -9.05
C CYS B 96 5.05 18.05 -10.50
N ALA B 97 4.52 19.15 -11.03
CA ALA B 97 4.77 19.48 -12.43
C ALA B 97 4.43 20.93 -12.68
N THR B 98 5.08 21.47 -13.71
CA THR B 98 4.88 22.86 -14.08
C THR B 98 4.89 22.93 -15.60
N THR B 99 4.27 23.98 -16.13
CA THR B 99 4.21 24.20 -17.57
C THR B 99 4.82 25.56 -17.90
N THR B 100 5.08 25.76 -19.18
CA THR B 100 5.38 27.11 -19.65
C THR B 100 4.15 27.85 -20.16
N ALA B 101 3.09 27.11 -20.50
CA ALA B 101 1.95 27.67 -21.22
C ALA B 101 0.89 28.19 -20.26
N GLY B 102 0.55 29.47 -20.38
CA GLY B 102 -0.53 30.05 -19.63
C GLY B 102 -0.11 31.13 -18.65
N GLY B 103 1.18 31.34 -18.47
CA GLY B 103 1.63 32.36 -17.54
C GLY B 103 1.20 32.10 -16.10
N GLY B 104 0.95 30.84 -15.74
CA GLY B 104 0.54 30.52 -14.39
C GLY B 104 -0.91 30.05 -14.27
N LEU B 105 -1.34 29.23 -15.22
CA LEU B 105 -2.71 28.73 -15.28
C LEU B 105 -2.76 27.25 -14.89
N CYS B 106 -3.77 26.89 -14.10
CA CYS B 106 -3.91 25.48 -13.74
C CYS B 106 -4.58 24.59 -14.80
N TRP B 107 -5.22 25.17 -15.81
CA TRP B 107 -5.88 24.38 -16.86
C TRP B 107 -6.83 23.38 -16.20
N ASP B 108 -7.04 22.25 -16.83
CA ASP B 108 -7.67 21.09 -16.23
C ASP B 108 -6.62 20.01 -16.10
N GLY B 109 -6.95 18.97 -15.33
CA GLY B 109 -5.96 17.96 -15.01
C GLY B 109 -5.35 17.30 -16.24
N THR B 110 -6.19 16.84 -17.17
CA THR B 110 -5.66 16.16 -18.36
C THR B 110 -4.78 17.10 -19.17
N THR B 111 -5.24 18.32 -19.40
CA THR B 111 -4.45 19.28 -20.17
C THR B 111 -3.14 19.60 -19.48
N PHE B 112 -3.15 19.78 -18.15
CA PHE B 112 -1.94 20.16 -17.45
C PHE B 112 -0.88 19.07 -17.55
N SER B 113 -1.28 17.79 -17.47
CA SER B 113 -0.26 16.73 -17.46
C SER B 113 0.34 16.47 -18.84
N ARG B 114 -0.41 16.84 -19.89
CA ARG B 114 0.12 16.75 -21.24
C ARG B 114 0.95 17.98 -21.57
N LEU B 115 0.55 19.15 -21.07
CA LEU B 115 1.33 20.37 -21.29
C LEU B 115 2.62 20.40 -20.51
N ALA B 116 2.63 19.77 -19.33
CA ALA B 116 3.71 19.96 -18.37
C ALA B 116 5.05 19.66 -19.00
N SER B 117 5.98 20.61 -18.89
CA SER B 117 7.33 20.44 -19.43
C SER B 117 8.33 19.94 -18.39
N SER B 118 8.19 20.32 -17.12
CA SER B 118 9.09 19.85 -16.07
C SER B 118 8.29 19.01 -15.08
N TRP B 119 8.65 17.73 -14.98
CA TRP B 119 8.08 16.80 -14.02
C TRP B 119 9.04 16.57 -12.86
N GLY B 120 8.48 16.35 -11.69
CA GLY B 120 9.29 16.01 -10.54
C GLY B 120 9.65 14.55 -10.55
N GLN B 121 10.70 14.21 -9.78
CA GLN B 121 11.20 12.84 -9.80
C GLN B 121 10.21 11.85 -9.21
N GLY B 122 9.23 12.32 -8.45
CA GLY B 122 8.26 11.39 -7.88
C GLY B 122 8.66 10.92 -6.50
N THR B 123 7.71 10.93 -5.57
CA THR B 123 7.95 10.51 -4.19
C THR B 123 6.87 9.52 -3.76
N GLN B 124 7.30 8.51 -3.04
CA GLN B 124 6.45 7.40 -2.65
C GLN B 124 5.60 7.77 -1.43
N VAL B 125 4.27 7.60 -1.54
CA VAL B 125 3.36 7.74 -0.43
C VAL B 125 2.67 6.41 -0.19
N THR B 126 2.86 5.85 1.01
CA THR B 126 2.29 4.55 1.31
C THR B 126 1.49 4.62 2.60
N VAL B 127 0.26 4.14 2.56
CA VAL B 127 -0.61 4.14 3.71
C VAL B 127 -1.00 2.71 3.97
N SER B 128 -0.63 2.19 5.15
CA SER B 128 -0.83 0.76 5.39
C SER B 128 -1.20 0.44 6.85
N VAL C 2 -4.39 -10.63 -30.61
CA VAL C 2 -3.02 -10.86 -30.15
C VAL C 2 -2.48 -9.62 -29.44
N GLN C 3 -1.81 -9.81 -28.30
CA GLN C 3 -1.36 -8.68 -27.50
C GLN C 3 -0.12 -9.06 -26.69
N LEU C 4 0.80 -8.11 -26.58
CA LEU C 4 1.93 -8.18 -25.66
C LEU C 4 1.70 -7.21 -24.51
N VAL C 5 1.72 -7.70 -23.28
CA VAL C 5 1.43 -6.87 -22.09
C VAL C 5 2.64 -6.89 -21.18
N GLU C 6 3.24 -5.72 -20.99
CA GLU C 6 4.38 -5.57 -20.12
C GLU C 6 3.98 -5.09 -18.72
N SER C 7 4.80 -5.44 -17.75
CA SER C 7 4.58 -5.00 -16.37
C SER C 7 5.88 -5.19 -15.62
N GLY C 8 5.90 -4.75 -14.35
CA GLY C 8 7.06 -4.87 -13.49
C GLY C 8 7.85 -3.60 -13.32
N GLY C 9 7.49 -2.54 -14.03
CA GLY C 9 8.16 -1.28 -13.88
C GLY C 9 7.71 -0.55 -12.61
N GLY C 10 8.23 0.65 -12.45
CA GLY C 10 7.77 1.50 -11.35
C GLY C 10 8.85 2.48 -10.95
N LEU C 11 8.80 2.91 -9.69
CA LEU C 11 9.80 3.78 -9.11
C LEU C 11 10.76 2.94 -8.26
N VAL C 12 12.07 3.17 -8.42
CA VAL C 12 13.04 2.35 -7.69
C VAL C 12 14.25 3.23 -7.38
N GLN C 13 14.87 3.00 -6.22
CA GLN C 13 16.03 3.75 -5.81
C GLN C 13 17.28 3.30 -6.56
N PRO C 14 18.25 4.20 -6.74
CA PRO C 14 19.49 3.83 -7.42
C PRO C 14 20.20 2.66 -6.73
N GLY C 15 20.76 1.79 -7.54
CA GLY C 15 21.33 0.56 -7.05
C GLY C 15 20.35 -0.58 -6.93
N GLY C 16 19.06 -0.30 -7.04
CA GLY C 16 18.07 -1.34 -6.97
C GLY C 16 17.99 -2.15 -8.24
N SER C 17 17.01 -3.03 -8.27
N SER C 17 17.05 -3.09 -8.25
CA SER C 17 16.78 -3.87 -9.44
CA SER C 17 16.78 -3.94 -9.40
C SER C 17 15.29 -4.04 -9.65
C SER C 17 15.29 -3.92 -9.69
N LEU C 18 14.93 -4.39 -10.88
CA LEU C 18 13.54 -4.64 -11.25
C LEU C 18 13.52 -5.89 -12.12
N ARG C 19 12.36 -6.53 -12.19
CA ARG C 19 12.14 -7.64 -13.11
C ARG C 19 10.92 -7.30 -13.95
N LEU C 20 11.16 -7.06 -15.24
CA LEU C 20 10.08 -6.73 -16.16
C LEU C 20 9.59 -8.02 -16.81
N SER C 21 8.31 -8.05 -17.12
CA SER C 21 7.72 -9.23 -17.73
C SER C 21 7.00 -8.82 -19.02
N CYS C 22 7.02 -9.74 -19.99
CA CYS C 22 6.38 -9.52 -21.29
C CYS C 22 5.46 -10.72 -21.50
N ALA C 23 4.15 -10.50 -21.43
CA ALA C 23 3.18 -11.59 -21.45
C ALA C 23 2.38 -11.51 -22.74
N ALA C 24 2.37 -12.62 -23.49
CA ALA C 24 1.65 -12.68 -24.75
C ALA C 24 0.29 -13.33 -24.56
N THR C 25 -0.74 -12.69 -25.09
CA THR C 25 -2.08 -13.28 -25.19
C THR C 25 -2.52 -13.22 -26.63
N GLY C 26 -2.99 -14.35 -27.15
CA GLY C 26 -3.43 -14.47 -28.52
C GLY C 26 -2.45 -15.24 -29.41
N PHE C 27 -1.20 -15.41 -28.98
CA PHE C 27 -0.21 -16.09 -29.81
C PHE C 27 0.91 -16.61 -28.93
N THR C 28 1.62 -17.61 -29.43
CA THR C 28 2.71 -18.22 -28.69
C THR C 28 3.99 -17.39 -28.83
N LEU C 29 4.80 -17.45 -27.79
CA LEU C 29 6.16 -16.93 -27.83
C LEU C 29 7.18 -17.99 -28.23
N GLU C 30 6.79 -19.26 -28.24
CA GLU C 30 7.76 -20.35 -28.36
C GLU C 30 8.51 -20.31 -29.69
N ASN C 31 7.88 -19.82 -30.75
CA ASN C 31 8.49 -19.81 -32.07
C ASN C 31 9.09 -18.44 -32.44
N LYS C 32 9.28 -17.56 -31.45
CA LYS C 32 9.65 -16.18 -31.73
C LYS C 32 10.88 -15.76 -30.93
N ALA C 33 11.52 -14.70 -31.41
CA ALA C 33 12.53 -13.97 -30.66
C ALA C 33 11.89 -12.76 -30.00
N ILE C 34 12.28 -12.51 -28.75
CA ILE C 34 11.75 -11.41 -27.97
C ILE C 34 12.92 -10.53 -27.55
N GLY C 35 12.87 -9.27 -27.95
CA GLY C 35 13.90 -8.32 -27.64
C GLY C 35 13.35 -7.19 -26.79
N TRP C 36 14.22 -6.61 -25.98
CA TRP C 36 13.83 -5.52 -25.10
C TRP C 36 14.54 -4.25 -25.54
N PHE C 37 13.78 -3.15 -25.60
CA PHE C 37 14.29 -1.83 -25.94
C PHE C 37 13.87 -0.82 -24.88
N ARG C 38 14.60 0.28 -24.82
CA ARG C 38 14.23 1.36 -23.93
C ARG C 38 14.29 2.68 -24.69
N GLN C 39 13.45 3.62 -24.27
CA GLN C 39 13.42 4.93 -24.89
C GLN C 39 13.03 5.98 -23.85
N THR C 40 13.86 7.00 -23.73
CA THR C 40 13.65 8.23 -22.98
C THR C 40 13.18 9.34 -23.91
N PRO C 41 12.28 10.22 -23.48
CA PRO C 41 11.89 11.36 -24.33
C PRO C 41 13.08 12.27 -24.58
N GLY C 42 13.27 12.62 -25.85
CA GLY C 42 14.43 13.39 -26.27
C GLY C 42 15.58 12.56 -26.77
N SER C 43 15.43 11.25 -26.84
CA SER C 43 16.46 10.34 -27.32
C SER C 43 15.79 9.23 -28.13
N GLU C 44 16.61 8.42 -28.79
CA GLU C 44 16.11 7.40 -29.70
C GLU C 44 16.08 6.02 -29.04
N ARG C 45 15.19 5.18 -29.56
CA ARG C 45 15.03 3.80 -29.10
C ARG C 45 16.37 3.08 -29.12
N GLU C 46 16.60 2.26 -28.10
CA GLU C 46 17.90 1.63 -27.93
C GLU C 46 17.71 0.19 -27.48
N GLY C 47 18.34 -0.74 -28.19
CA GLY C 47 18.20 -2.15 -27.84
C GLY C 47 18.92 -2.48 -26.56
N VAL C 48 18.37 -3.45 -25.84
CA VAL C 48 19.02 -3.92 -24.62
C VAL C 48 19.48 -5.37 -24.78
N LEU C 49 18.53 -6.30 -24.83
CA LEU C 49 18.81 -7.72 -24.73
C LEU C 49 17.66 -8.48 -25.39
N CYS C 50 18.00 -9.56 -26.10
CA CYS C 50 17.02 -10.36 -26.85
C CYS C 50 17.26 -11.83 -26.57
N ILE C 51 16.20 -12.62 -26.64
CA ILE C 51 16.33 -14.06 -26.51
C ILE C 51 15.65 -14.67 -27.73
N SER C 52 16.33 -15.61 -28.38
CA SER C 52 15.89 -16.11 -29.67
C SER C 52 14.94 -17.29 -29.50
N LYS C 53 14.32 -17.69 -30.61
CA LYS C 53 13.53 -18.92 -30.61
C LYS C 53 14.31 -20.07 -29.99
N SER C 54 15.60 -20.19 -30.33
CA SER C 54 16.42 -21.27 -29.81
C SER C 54 16.94 -21.00 -28.39
N GLY C 55 16.67 -19.82 -27.83
CA GLY C 55 17.06 -19.56 -26.45
C GLY C 55 18.44 -19.00 -26.27
N SER C 56 19.11 -18.57 -27.33
CA SER C 56 20.37 -17.87 -27.17
C SER C 56 20.11 -16.41 -26.83
N TRP C 57 20.99 -15.84 -26.01
CA TRP C 57 20.89 -14.43 -25.62
C TRP C 57 21.73 -13.58 -26.56
N THR C 58 21.16 -12.47 -27.02
CA THR C 58 21.93 -11.49 -27.77
C THR C 58 21.87 -10.15 -27.04
N TYR C 59 23.03 -9.66 -26.62
CA TYR C 59 23.13 -8.32 -26.04
C TYR C 59 23.27 -7.28 -27.15
N TYR C 60 22.30 -6.39 -27.24
CA TYR C 60 22.41 -5.24 -28.13
C TYR C 60 23.29 -4.15 -27.51
N THR C 61 23.07 -3.85 -26.23
CA THR C 61 23.80 -2.79 -25.56
C THR C 61 25.28 -3.15 -25.45
N ASP C 62 26.14 -2.15 -25.65
CA ASP C 62 27.58 -2.33 -25.63
C ASP C 62 28.20 -1.93 -24.30
N SER C 63 27.43 -1.96 -23.22
CA SER C 63 27.90 -1.49 -21.93
C SER C 63 27.17 -2.22 -20.82
N MET C 64 27.93 -2.58 -19.77
CA MET C 64 27.40 -3.15 -18.53
C MET C 64 26.39 -4.26 -18.82
N ARG C 65 26.78 -5.20 -19.68
CA ARG C 65 25.87 -6.24 -20.11
C ARG C 65 25.44 -7.12 -18.94
N GLY C 66 26.36 -7.40 -18.02
CA GLY C 66 26.06 -8.28 -16.89
C GLY C 66 24.95 -7.80 -15.97
N ARG C 67 24.57 -6.52 -16.06
CA ARG C 67 23.43 -6.01 -15.32
C ARG C 67 22.09 -6.54 -15.84
N PHE C 68 22.04 -7.08 -17.06
CA PHE C 68 20.77 -7.50 -17.66
C PHE C 68 20.79 -8.99 -17.91
N THR C 69 19.69 -9.65 -17.55
CA THR C 69 19.50 -11.06 -17.81
C THR C 69 18.07 -11.26 -18.30
N ILE C 70 17.84 -12.37 -18.98
CA ILE C 70 16.57 -12.60 -19.65
C ILE C 70 16.21 -14.06 -19.52
N SER C 71 14.92 -14.34 -19.49
CA SER C 71 14.47 -15.71 -19.41
C SER C 71 13.11 -15.82 -20.08
N ARG C 72 12.77 -17.04 -20.45
CA ARG C 72 11.56 -17.35 -21.20
C ARG C 72 10.83 -18.47 -20.48
N ASP C 73 9.56 -18.25 -20.18
CA ASP C 73 8.74 -19.26 -19.54
C ASP C 73 7.65 -19.65 -20.53
N ASN C 74 7.85 -20.77 -21.22
CA ASN C 74 6.91 -21.19 -22.25
C ASN C 74 5.57 -21.56 -21.64
N ALA C 75 5.57 -22.13 -20.43
CA ALA C 75 4.33 -22.39 -19.72
C ALA C 75 3.47 -21.12 -19.63
N GLU C 76 4.05 -20.06 -19.08
CA GLU C 76 3.33 -18.80 -18.87
C GLU C 76 3.23 -17.95 -20.13
N ASN C 77 3.86 -18.36 -21.23
CA ASN C 77 3.86 -17.55 -22.44
C ASN C 77 4.42 -16.15 -22.14
N THR C 78 5.50 -16.10 -21.36
CA THR C 78 6.04 -14.86 -20.83
C THR C 78 7.57 -14.86 -20.93
N VAL C 79 8.12 -13.67 -21.16
CA VAL C 79 9.56 -13.44 -21.13
C VAL C 79 9.88 -12.40 -20.06
N TYR C 80 10.92 -12.64 -19.28
CA TYR C 80 11.31 -11.74 -18.20
C TYR C 80 12.65 -11.08 -18.50
N LEU C 81 12.74 -9.80 -18.16
CA LEU C 81 13.99 -9.04 -18.22
C LEU C 81 14.34 -8.60 -16.79
N GLN C 82 15.41 -9.17 -16.23
CA GLN C 82 15.91 -8.76 -14.92
C GLN C 82 16.98 -7.69 -15.09
N MET C 83 16.82 -6.57 -14.38
CA MET C 83 17.71 -5.44 -14.51
C MET C 83 18.25 -5.09 -13.13
N ASP C 84 19.56 -5.19 -12.95
CA ASP C 84 20.24 -4.98 -11.68
C ASP C 84 21.06 -3.70 -11.68
N SER C 85 21.34 -3.21 -10.48
CA SER C 85 22.26 -2.08 -10.28
C SER C 85 21.82 -0.86 -11.10
N LEU C 86 20.53 -0.55 -11.02
CA LEU C 86 19.97 0.53 -11.81
C LEU C 86 20.56 1.86 -11.39
N LYS C 87 20.71 2.75 -12.35
CA LYS C 87 21.19 4.11 -12.13
C LYS C 87 20.18 5.08 -12.71
N PRO C 88 20.25 6.37 -12.34
CA PRO C 88 19.25 7.30 -12.89
C PRO C 88 19.26 7.35 -14.42
N GLU C 89 20.39 7.02 -15.04
CA GLU C 89 20.47 7.02 -16.51
C GLU C 89 19.59 5.94 -17.13
N ASP C 90 19.29 4.88 -16.37
CA ASP C 90 18.43 3.80 -16.83
C ASP C 90 16.95 4.18 -16.80
N THR C 91 16.61 5.39 -16.35
CA THR C 91 15.24 5.85 -16.40
C THR C 91 14.77 5.96 -17.86
N ALA C 92 13.64 5.32 -18.18
CA ALA C 92 13.19 5.16 -19.55
C ALA C 92 11.88 4.40 -19.51
N VAL C 93 11.16 4.41 -20.64
CA VAL C 93 10.10 3.45 -20.91
C VAL C 93 10.74 2.23 -21.54
N TYR C 94 10.37 1.04 -21.09
CA TYR C 94 10.96 -0.20 -21.57
C TYR C 94 9.93 -1.01 -22.35
N TYR C 95 10.32 -1.49 -23.54
CA TYR C 95 9.41 -2.17 -24.46
C TYR C 95 9.94 -3.55 -24.83
N CYS C 96 9.03 -4.53 -24.88
CA CYS C 96 9.35 -5.78 -25.52
C CYS C 96 8.76 -5.83 -26.91
N ALA C 97 9.36 -6.68 -27.75
CA ALA C 97 8.99 -6.73 -29.15
C ALA C 97 9.33 -8.12 -29.66
N THR C 98 8.52 -8.61 -30.59
CA THR C 98 8.65 -10.00 -30.98
C THR C 98 8.69 -10.13 -32.51
N THR C 99 9.33 -11.20 -32.98
CA THR C 99 9.48 -11.41 -34.42
C THR C 99 9.69 -12.88 -34.70
N THR C 100 9.33 -13.28 -35.92
CA THR C 100 9.67 -14.59 -36.45
C THR C 100 10.72 -14.52 -37.55
N ALA C 101 11.16 -13.33 -37.94
CA ALA C 101 12.12 -13.18 -39.02
C ALA C 101 13.35 -14.04 -38.78
N GLY C 102 13.82 -14.67 -39.84
CA GLY C 102 14.98 -15.53 -39.78
C GLY C 102 14.77 -16.77 -38.96
N GLY C 103 13.53 -17.15 -38.71
CA GLY C 103 13.31 -18.25 -37.79
C GLY C 103 13.57 -17.86 -36.35
N GLY C 104 13.13 -16.66 -35.95
CA GLY C 104 13.30 -16.22 -34.58
C GLY C 104 14.74 -15.89 -34.23
N LEU C 105 15.41 -15.13 -35.09
CA LEU C 105 16.75 -14.64 -34.77
C LEU C 105 16.65 -13.31 -34.02
N CYS C 106 17.68 -13.03 -33.22
CA CYS C 106 17.74 -11.77 -32.51
C CYS C 106 18.31 -10.64 -33.35
N TRP C 107 19.05 -10.97 -34.42
CA TRP C 107 19.55 -9.94 -35.33
C TRP C 107 20.45 -9.00 -34.53
N ASP C 108 20.43 -7.72 -34.83
CA ASP C 108 21.12 -6.69 -34.07
C ASP C 108 20.08 -5.66 -33.63
N GLY C 109 20.51 -4.68 -32.85
CA GLY C 109 19.58 -3.73 -32.26
C GLY C 109 18.68 -3.03 -33.27
N THR C 110 19.29 -2.29 -34.20
CA THR C 110 18.52 -1.50 -35.15
C THR C 110 17.70 -2.38 -36.09
N THR C 111 18.28 -3.50 -36.56
CA THR C 111 17.57 -4.37 -37.48
C THR C 111 16.38 -5.05 -36.81
N PHE C 112 16.55 -5.58 -35.59
CA PHE C 112 15.42 -6.20 -34.89
C PHE C 112 14.27 -5.21 -34.75
N SER C 113 14.57 -3.94 -34.50
CA SER C 113 13.46 -3.02 -34.29
C SER C 113 12.70 -2.75 -35.59
N ARG C 114 13.36 -2.91 -36.74
CA ARG C 114 12.63 -2.88 -38.01
C ARG C 114 11.85 -4.16 -38.24
N LEU C 115 12.39 -5.32 -37.84
CA LEU C 115 11.75 -6.60 -38.12
C LEU C 115 10.60 -6.92 -37.18
N ALA C 116 10.53 -6.27 -36.02
CA ALA C 116 9.58 -6.68 -35.00
C ALA C 116 8.15 -6.48 -35.50
N SER C 117 7.34 -7.54 -35.38
CA SER C 117 5.96 -7.49 -35.86
C SER C 117 4.97 -7.07 -34.79
N SER C 118 5.33 -7.12 -33.51
CA SER C 118 4.43 -6.56 -32.49
C SER C 118 5.25 -6.06 -31.31
N TRP C 119 4.67 -5.07 -30.62
CA TRP C 119 5.30 -4.34 -29.53
C TRP C 119 4.35 -4.32 -28.34
N GLY C 120 4.91 -4.42 -27.14
CA GLY C 120 4.15 -4.17 -25.93
C GLY C 120 3.84 -2.70 -25.75
N GLN C 121 2.99 -2.40 -24.76
CA GLN C 121 2.63 -1.02 -24.44
C GLN C 121 3.75 -0.26 -23.74
N GLY C 122 4.80 -0.94 -23.31
CA GLY C 122 5.83 -0.24 -22.55
C GLY C 122 5.49 -0.17 -21.07
N THR C 123 6.53 -0.21 -20.24
CA THR C 123 6.40 -0.08 -18.79
C THR C 123 7.43 0.94 -18.34
N GLN C 124 6.98 1.96 -17.61
CA GLN C 124 7.88 3.04 -17.23
C GLN C 124 8.78 2.61 -16.07
N VAL C 125 10.06 2.94 -16.18
CA VAL C 125 11.05 2.71 -15.14
C VAL C 125 11.66 4.06 -14.76
N THR C 126 11.50 4.44 -13.50
CA THR C 126 12.07 5.68 -12.96
C THR C 126 13.04 5.35 -11.84
N VAL C 127 14.30 5.73 -11.99
CA VAL C 127 15.34 5.41 -11.03
C VAL C 127 15.71 6.71 -10.33
N SER C 128 15.36 6.82 -9.05
CA SER C 128 15.56 8.04 -8.28
C SER C 128 15.54 7.79 -6.78
N VAL D 2 -9.14 3.20 31.16
CA VAL D 2 -8.07 4.19 31.09
C VAL D 2 -6.93 3.73 30.17
N GLN D 3 -6.70 4.49 29.10
CA GLN D 3 -5.68 4.13 28.12
C GLN D 3 -5.49 5.30 27.16
N LEU D 4 -4.23 5.61 26.86
CA LEU D 4 -3.88 6.54 25.79
C LEU D 4 -3.25 5.76 24.65
N VAL D 5 -3.80 5.91 23.46
CA VAL D 5 -3.30 5.21 22.27
C VAL D 5 -2.84 6.27 21.28
N GLU D 6 -1.55 6.25 20.97
CA GLU D 6 -0.98 7.12 19.96
C GLU D 6 -0.88 6.43 18.60
N SER D 7 -1.02 7.21 17.53
CA SER D 7 -0.81 6.75 16.16
C SER D 7 -0.28 7.90 15.32
N GLY D 8 0.02 7.62 14.02
CA GLY D 8 0.38 8.65 13.09
C GLY D 8 1.86 8.74 12.77
N GLY D 9 2.70 7.98 13.47
CA GLY D 9 4.11 7.98 13.18
C GLY D 9 4.44 7.13 11.96
N GLY D 10 5.71 6.95 11.72
CA GLY D 10 6.15 6.07 10.65
C GLY D 10 7.48 6.57 10.10
N LEU D 11 7.67 6.32 8.80
CA LEU D 11 8.86 6.75 8.08
C LEU D 11 8.49 7.96 7.21
N VAL D 12 9.35 8.98 7.22
N VAL D 12 9.35 8.97 7.23
CA VAL D 12 9.08 10.21 6.47
CA VAL D 12 9.13 10.19 6.46
C VAL D 12 10.41 10.80 6.02
C VAL D 12 10.46 10.74 5.98
N GLN D 13 10.44 11.35 4.80
CA GLN D 13 11.63 11.97 4.25
C GLN D 13 11.90 13.34 4.90
N PRO D 14 13.15 13.78 4.91
CA PRO D 14 13.46 15.10 5.48
C PRO D 14 12.70 16.23 4.81
N GLY D 15 12.32 17.22 5.62
CA GLY D 15 11.43 18.27 5.18
C GLY D 15 9.97 17.91 5.21
N GLY D 16 9.64 16.64 5.39
CA GLY D 16 8.25 16.25 5.47
C GLY D 16 7.61 16.67 6.78
N SER D 17 6.38 16.19 6.95
N SER D 17 6.36 16.26 6.93
CA SER D 17 5.59 16.50 8.13
CA SER D 17 5.54 16.54 8.09
C SER D 17 4.78 15.28 8.49
C SER D 17 4.83 15.25 8.50
N LEU D 18 4.35 15.24 9.75
CA LEU D 18 3.50 14.18 10.26
C LEU D 18 2.48 14.81 11.20
N ARG D 19 1.39 14.09 11.43
CA ARG D 19 0.40 14.51 12.41
C ARG D 19 0.17 13.32 13.34
N LEU D 20 0.56 13.47 14.60
CA LEU D 20 0.38 12.38 15.55
C LEU D 20 -0.93 12.57 16.31
N SER D 21 -1.56 11.48 16.67
CA SER D 21 -2.81 11.55 17.42
C SER D 21 -2.67 10.83 18.76
N CYS D 22 -3.40 11.30 19.77
CA CYS D 22 -3.37 10.75 21.13
C CYS D 22 -4.83 10.55 21.51
N ALA D 23 -5.31 9.32 21.43
CA ALA D 23 -6.72 9.03 21.65
C ALA D 23 -6.90 8.40 23.02
N ALA D 24 -7.84 8.94 23.79
CA ALA D 24 -8.10 8.46 25.13
C ALA D 24 -9.34 7.59 25.12
N THR D 25 -9.28 6.49 25.87
CA THR D 25 -10.44 5.64 26.10
C THR D 25 -10.51 5.32 27.58
N GLY D 26 -11.71 5.42 28.15
CA GLY D 26 -11.91 5.16 29.56
C GLY D 26 -11.89 6.39 30.46
N PHE D 27 -11.64 7.57 29.91
CA PHE D 27 -11.64 8.82 30.66
C PHE D 27 -11.63 9.97 29.66
N THR D 28 -12.01 11.15 30.13
CA THR D 28 -12.06 12.31 29.26
C THR D 28 -10.76 13.09 29.31
N LEU D 29 -10.44 13.75 28.20
CA LEU D 29 -9.34 14.69 28.13
C LEU D 29 -9.77 16.13 28.44
N GLU D 30 -11.07 16.37 28.60
CA GLU D 30 -11.60 17.73 28.62
C GLU D 30 -11.12 18.49 29.85
N ASN D 31 -10.82 17.79 30.94
CA ASN D 31 -10.34 18.40 32.16
C ASN D 31 -8.85 18.24 32.35
N LYS D 32 -8.11 17.81 31.33
CA LYS D 32 -6.70 17.50 31.48
C LYS D 32 -5.83 18.44 30.65
N ALA D 33 -4.56 18.52 31.02
CA ALA D 33 -3.50 18.96 30.13
C ALA D 33 -2.88 17.75 29.43
N ILE D 34 -2.48 17.93 28.18
CA ILE D 34 -1.90 16.85 27.39
C ILE D 34 -0.57 17.34 26.84
N GLY D 35 0.50 16.65 27.19
CA GLY D 35 1.83 17.02 26.79
C GLY D 35 2.45 15.94 25.91
N TRP D 36 3.32 16.37 25.01
CA TRP D 36 4.02 15.46 24.12
C TRP D 36 5.51 15.47 24.45
N PHE D 37 6.11 14.29 24.43
CA PHE D 37 7.52 14.09 24.72
C PHE D 37 8.13 13.20 23.67
N ARG D 38 9.43 13.35 23.47
CA ARG D 38 10.15 12.47 22.57
C ARG D 38 11.39 11.92 23.25
N GLN D 39 11.76 10.71 22.84
CA GLN D 39 12.93 10.04 23.39
C GLN D 39 13.60 9.19 22.33
N THR D 40 14.89 9.41 22.10
CA THR D 40 15.71 8.55 21.28
C THR D 40 16.52 7.61 22.16
N PRO D 41 16.77 6.37 21.74
CA PRO D 41 17.50 5.44 22.61
C PRO D 41 18.92 5.95 22.86
N GLY D 42 19.32 5.89 24.13
CA GLY D 42 20.57 6.52 24.52
C GLY D 42 20.43 8.00 24.83
N SER D 43 19.23 8.43 25.22
CA SER D 43 18.97 9.83 25.53
C SER D 43 17.75 9.89 26.44
N GLU D 44 17.56 11.05 27.06
CA GLU D 44 16.49 11.27 28.01
C GLU D 44 15.27 11.89 27.32
N ARG D 45 14.10 11.63 27.88
CA ARG D 45 12.88 12.22 27.36
C ARG D 45 12.96 13.74 27.46
N GLU D 46 12.55 14.42 26.39
CA GLU D 46 12.47 15.86 26.40
C GLU D 46 11.07 16.30 25.97
N GLY D 47 10.56 17.31 26.65
CA GLY D 47 9.23 17.79 26.33
C GLY D 47 9.22 18.50 24.99
N VAL D 48 8.05 18.49 24.35
CA VAL D 48 7.89 19.17 23.07
C VAL D 48 6.92 20.32 23.25
N LEU D 49 5.66 19.98 23.47
CA LEU D 49 4.56 20.92 23.40
C LEU D 49 3.39 20.36 24.18
N CYS D 50 2.64 21.23 24.84
CA CYS D 50 1.55 20.80 25.70
C CYS D 50 0.38 21.74 25.50
N ILE D 51 -0.82 21.20 25.59
CA ILE D 51 -2.03 22.02 25.57
C ILE D 51 -2.72 21.84 26.92
N SER D 52 -3.03 22.95 27.58
CA SER D 52 -3.59 22.90 28.92
C SER D 52 -5.09 22.63 28.86
N LYS D 53 -5.66 22.38 30.05
CA LYS D 53 -7.10 22.20 30.17
C LYS D 53 -7.87 23.34 29.52
N SER D 54 -7.38 24.56 29.69
CA SER D 54 -8.05 25.73 29.13
C SER D 54 -7.72 25.93 27.65
N GLY D 55 -6.83 25.13 27.07
CA GLY D 55 -6.51 25.27 25.67
C GLY D 55 -5.30 26.11 25.36
N SER D 56 -4.56 26.53 26.38
CA SER D 56 -3.36 27.32 26.13
C SER D 56 -2.20 26.40 25.79
N TRP D 57 -1.34 26.85 24.89
CA TRP D 57 -0.18 26.09 24.45
C TRP D 57 1.03 26.45 25.27
N THR D 58 1.81 25.44 25.66
CA THR D 58 3.11 25.65 26.27
C THR D 58 4.15 24.89 25.50
N TYR D 59 5.16 25.62 25.01
CA TYR D 59 6.33 25.02 24.40
C TYR D 59 7.40 24.74 25.45
N TYR D 60 7.82 23.49 25.54
CA TYR D 60 8.94 23.09 26.37
C TYR D 60 10.27 23.21 25.63
N THR D 61 10.29 22.80 24.36
CA THR D 61 11.52 22.68 23.62
C THR D 61 12.06 24.06 23.26
N ASP D 62 13.39 24.19 23.25
CA ASP D 62 13.99 25.47 22.96
C ASP D 62 13.98 25.79 21.47
N SER D 63 14.20 24.76 20.64
CA SER D 63 14.54 24.97 19.23
C SER D 63 13.30 24.91 18.33
N MET D 64 13.25 25.84 17.38
CA MET D 64 12.37 25.78 16.21
C MET D 64 10.91 25.53 16.61
N ARG D 65 10.38 26.44 17.43
CA ARG D 65 9.06 26.26 18.01
C ARG D 65 7.96 26.25 16.95
N GLY D 66 8.13 26.99 15.85
CA GLY D 66 7.09 27.10 14.84
C GLY D 66 6.80 25.82 14.09
N ARG D 67 7.70 24.83 14.16
CA ARG D 67 7.45 23.57 13.46
C ARG D 67 6.35 22.76 14.11
N PHE D 68 6.02 23.00 15.37
CA PHE D 68 5.13 22.14 16.15
C PHE D 68 3.85 22.86 16.48
N THR D 69 2.72 22.22 16.21
CA THR D 69 1.43 22.79 16.55
C THR D 69 0.59 21.68 17.17
N ILE D 70 -0.40 22.09 17.97
CA ILE D 70 -1.18 21.15 18.77
C ILE D 70 -2.65 21.56 18.74
N SER D 71 -3.54 20.58 18.88
CA SER D 71 -4.95 20.88 18.95
C SER D 71 -5.66 19.77 19.69
N ARG D 72 -6.86 20.08 20.15
CA ARG D 72 -7.66 19.18 20.96
C ARG D 72 -9.03 19.06 20.32
N ASP D 73 -9.54 17.83 20.23
CA ASP D 73 -10.87 17.55 19.69
C ASP D 73 -11.65 16.84 20.78
N ASN D 74 -12.53 17.58 21.44
CA ASN D 74 -13.27 17.02 22.57
C ASN D 74 -14.29 16.00 22.12
N ALA D 75 -14.89 16.20 20.95
CA ALA D 75 -15.83 15.22 20.42
C ALA D 75 -15.18 13.86 20.24
N GLU D 76 -14.00 13.81 19.63
CA GLU D 76 -13.28 12.56 19.42
C GLU D 76 -12.39 12.18 20.61
N ASN D 77 -12.36 12.99 21.66
CA ASN D 77 -11.54 12.74 22.83
C ASN D 77 -10.08 12.49 22.43
N THR D 78 -9.54 13.38 21.60
CA THR D 78 -8.24 13.17 21.01
C THR D 78 -7.49 14.48 20.88
N VAL D 79 -6.16 14.41 21.06
CA VAL D 79 -5.24 15.52 20.84
C VAL D 79 -4.32 15.20 19.67
N TYR D 80 -4.04 16.20 18.84
CA TYR D 80 -3.16 16.04 17.69
C TYR D 80 -1.92 16.90 17.86
N LEU D 81 -0.78 16.33 17.47
CA LEU D 81 0.50 17.03 17.38
C LEU D 81 0.93 17.00 15.91
N GLN D 82 0.98 18.17 15.28
CA GLN D 82 1.48 18.26 13.91
C GLN D 82 2.93 18.72 13.94
N MET D 83 3.80 18.02 13.22
CA MET D 83 5.22 18.36 13.19
C MET D 83 5.64 18.59 11.75
N ASP D 84 6.19 19.77 11.47
CA ASP D 84 6.56 20.15 10.11
C ASP D 84 8.07 20.31 9.98
N SER D 85 8.53 20.31 8.74
CA SER D 85 9.94 20.49 8.39
C SER D 85 10.82 19.55 9.22
N LEU D 86 10.49 18.27 9.15
CA LEU D 86 11.18 17.27 9.96
C LEU D 86 12.59 17.04 9.47
N LYS D 87 13.50 16.82 10.41
CA LYS D 87 14.91 16.59 10.20
C LYS D 87 15.31 15.24 10.77
N PRO D 88 16.43 14.67 10.31
CA PRO D 88 16.85 13.37 10.87
C PRO D 88 16.95 13.36 12.39
N GLU D 89 17.39 14.46 13.00
CA GLU D 89 17.50 14.51 14.45
C GLU D 89 16.15 14.52 15.16
N ASP D 90 15.05 14.66 14.41
CA ASP D 90 13.72 14.48 14.97
C ASP D 90 13.34 13.02 15.12
N THR D 91 14.14 12.10 14.60
CA THR D 91 13.86 10.68 14.76
C THR D 91 13.83 10.33 16.23
N ALA D 92 12.76 9.69 16.68
CA ALA D 92 12.49 9.50 18.11
C ALA D 92 11.21 8.71 18.26
N VAL D 93 10.98 8.17 19.46
CA VAL D 93 9.66 7.71 19.87
C VAL D 93 8.96 8.91 20.50
N TYR D 94 7.70 9.13 20.13
CA TYR D 94 6.94 10.27 20.61
C TYR D 94 5.82 9.77 21.50
N TYR D 95 5.73 10.35 22.70
CA TYR D 95 4.76 9.94 23.73
C TYR D 95 3.82 11.08 24.06
N CYS D 96 2.55 10.76 24.29
CA CYS D 96 1.68 11.73 24.93
C CYS D 96 1.44 11.31 26.38
N ALA D 97 1.00 12.28 27.16
CA ALA D 97 0.82 12.07 28.59
C ALA D 97 -0.14 13.13 29.09
N THR D 98 -0.94 12.76 30.09
CA THR D 98 -1.99 13.64 30.58
C THR D 98 -1.81 13.85 32.08
N THR D 99 -2.38 14.95 32.57
CA THR D 99 -2.41 15.19 34.01
C THR D 99 -3.52 16.17 34.36
N THR D 100 -3.93 16.14 35.63
CA THR D 100 -4.81 17.13 36.22
C THR D 100 -4.09 18.09 37.14
N ALA D 101 -2.84 17.81 37.49
CA ALA D 101 -2.14 18.60 38.49
C ALA D 101 -2.21 20.09 38.16
N GLY D 102 -2.55 20.88 39.17
CA GLY D 102 -2.70 22.31 38.99
C GLY D 102 -3.98 22.74 38.31
N GLY D 103 -4.96 21.85 38.17
CA GLY D 103 -6.11 22.19 37.37
C GLY D 103 -5.89 22.02 35.89
N GLY D 104 -5.00 21.09 35.51
CA GLY D 104 -4.67 20.86 34.11
C GLY D 104 -3.76 21.93 33.53
N LEU D 105 -2.63 22.16 34.18
CA LEU D 105 -1.63 23.10 33.69
C LEU D 105 -0.52 22.34 32.99
N CYS D 106 0.23 23.06 32.16
CA CYS D 106 1.30 22.40 31.42
C CYS D 106 2.63 22.38 32.14
N TRP D 107 2.80 23.20 33.18
CA TRP D 107 4.01 23.12 34.00
C TRP D 107 5.23 23.37 33.12
N ASP D 108 6.33 22.68 33.37
CA ASP D 108 7.50 22.69 32.49
C ASP D 108 7.81 21.27 32.06
N GLY D 109 8.77 21.13 31.14
CA GLY D 109 9.09 19.82 30.59
C GLY D 109 9.40 18.75 31.62
N THR D 110 10.40 19.02 32.48
CA THR D 110 10.80 18.05 33.48
C THR D 110 9.69 17.78 34.50
N THR D 111 8.97 18.83 34.92
CA THR D 111 7.97 18.62 35.96
C THR D 111 6.74 17.92 35.42
N PHE D 112 6.27 18.31 34.21
CA PHE D 112 5.10 17.64 33.65
C PHE D 112 5.30 16.13 33.60
N SER D 113 6.51 15.68 33.27
CA SER D 113 6.72 14.24 33.16
C SER D 113 6.67 13.55 34.51
N ARG D 114 7.04 14.26 35.60
CA ARG D 114 6.83 13.70 36.93
C ARG D 114 5.36 13.70 37.31
N LEU D 115 4.62 14.75 36.91
CA LEU D 115 3.23 14.85 37.33
C LEU D 115 2.28 13.99 36.52
N ALA D 116 2.69 13.53 35.33
CA ALA D 116 1.76 12.84 34.45
C ALA D 116 1.30 11.53 35.07
N SER D 117 -0.02 11.32 35.05
CA SER D 117 -0.67 10.12 35.58
C SER D 117 -0.96 9.05 34.54
N SER D 118 -1.01 9.41 33.26
CA SER D 118 -1.20 8.44 32.18
C SER D 118 -0.19 8.71 31.08
N TRP D 119 0.27 7.64 30.43
CA TRP D 119 1.18 7.72 29.31
C TRP D 119 0.67 6.87 28.15
N GLY D 120 0.78 7.40 26.94
CA GLY D 120 0.56 6.60 25.75
C GLY D 120 1.65 5.57 25.57
N GLN D 121 1.41 4.65 24.62
CA GLN D 121 2.36 3.60 24.32
C GLN D 121 3.51 4.08 23.43
N GLY D 122 3.41 5.26 22.86
CA GLY D 122 4.48 5.78 22.03
C GLY D 122 4.29 5.42 20.58
N THR D 123 4.77 6.29 19.70
CA THR D 123 4.72 6.06 18.26
C THR D 123 6.08 6.43 17.68
N GLN D 124 6.69 5.51 16.93
CA GLN D 124 7.99 5.77 16.36
C GLN D 124 7.88 6.70 15.14
N VAL D 125 8.75 7.70 15.11
CA VAL D 125 8.92 8.63 13.99
C VAL D 125 10.35 8.46 13.49
N THR D 126 10.51 8.08 12.23
CA THR D 126 11.83 7.88 11.64
C THR D 126 11.97 8.80 10.43
N VAL D 127 12.91 9.73 10.51
CA VAL D 127 13.13 10.76 9.49
C VAL D 127 14.40 10.40 8.75
N SER D 128 14.26 9.84 7.54
CA SER D 128 15.41 9.39 6.75
C SER D 128 15.28 9.85 5.30
N VAL E 2 -0.45 -15.96 13.41
CA VAL E 2 -1.15 -16.98 12.64
C VAL E 2 -2.13 -16.35 11.65
N GLN E 3 -1.95 -16.63 10.37
CA GLN E 3 -2.73 -15.94 9.35
C GLN E 3 -2.61 -16.67 8.02
N LEU E 4 -3.67 -16.61 7.23
CA LEU E 4 -3.69 -17.07 5.85
C LEU E 4 -3.93 -15.87 4.95
N VAL E 5 -3.08 -15.70 3.95
CA VAL E 5 -3.15 -14.55 3.05
C VAL E 5 -3.32 -15.05 1.63
N GLU E 6 -4.35 -14.54 0.95
CA GLU E 6 -4.61 -14.89 -0.43
C GLU E 6 -4.19 -13.77 -1.36
N SER E 7 -3.86 -14.15 -2.58
CA SER E 7 -3.50 -13.19 -3.61
C SER E 7 -3.62 -13.93 -4.93
N GLY E 8 -3.41 -13.22 -6.03
CA GLY E 8 -3.41 -13.82 -7.34
C GLY E 8 -4.68 -13.66 -8.14
N GLY E 9 -5.70 -13.02 -7.59
CA GLY E 9 -6.93 -12.80 -8.33
C GLY E 9 -6.79 -11.71 -9.39
N GLY E 10 -7.79 -11.64 -10.26
CA GLY E 10 -7.78 -10.61 -11.29
C GLY E 10 -8.86 -10.86 -12.32
N LEU E 11 -8.69 -10.20 -13.46
CA LEU E 11 -9.64 -10.23 -14.56
C LEU E 11 -9.02 -11.02 -15.72
N VAL E 12 -9.81 -11.91 -16.33
CA VAL E 12 -9.33 -12.72 -17.46
C VAL E 12 -10.46 -12.88 -18.47
N GLN E 13 -10.10 -13.48 -19.64
CA GLN E 13 -10.91 -13.83 -20.80
C GLN E 13 -11.29 -15.30 -20.75
N PRO E 14 -12.43 -15.66 -21.31
CA PRO E 14 -12.84 -17.07 -21.33
C PRO E 14 -11.86 -17.93 -22.12
N GLY E 15 -11.51 -19.07 -21.55
CA GLY E 15 -10.47 -19.93 -22.09
C GLY E 15 -9.11 -19.72 -21.48
N GLY E 16 -8.90 -18.63 -20.75
CA GLY E 16 -7.63 -18.35 -20.12
C GLY E 16 -7.42 -19.15 -18.85
N SER E 17 -6.33 -18.82 -18.17
CA SER E 17 -5.90 -19.50 -16.95
C SER E 17 -5.68 -18.48 -15.84
N LEU E 18 -5.35 -18.98 -14.65
CA LEU E 18 -5.16 -18.17 -13.46
C LEU E 18 -4.63 -19.06 -12.34
N ARG E 19 -3.75 -18.52 -11.51
CA ARG E 19 -3.12 -19.27 -10.43
C ARG E 19 -3.28 -18.49 -9.13
N LEU E 20 -4.14 -18.97 -8.24
CA LEU E 20 -4.31 -18.38 -6.93
C LEU E 20 -3.36 -19.00 -5.93
N SER E 21 -3.03 -18.24 -4.89
CA SER E 21 -2.05 -18.67 -3.92
C SER E 21 -2.57 -18.40 -2.51
N CYS E 22 -2.32 -19.33 -1.60
CA CYS E 22 -2.77 -19.26 -0.20
C CYS E 22 -1.53 -19.44 0.67
N ALA E 23 -1.06 -18.36 1.26
CA ALA E 23 0.23 -18.34 1.98
C ALA E 23 -0.02 -18.26 3.47
N ALA E 24 0.60 -19.16 4.22
CA ALA E 24 0.43 -19.21 5.66
C ALA E 24 1.62 -18.53 6.34
N THR E 25 1.33 -17.86 7.46
CA THR E 25 2.34 -17.20 8.28
C THR E 25 2.10 -17.58 9.73
N GLY E 26 3.12 -18.13 10.38
CA GLY E 26 3.01 -18.53 11.77
C GLY E 26 2.69 -19.99 12.01
N PHE E 27 2.54 -20.79 10.95
CA PHE E 27 2.33 -22.23 11.07
C PHE E 27 2.60 -22.86 9.71
N THR E 28 2.85 -24.16 9.71
CA THR E 28 3.18 -24.91 8.51
C THR E 28 1.90 -25.44 7.87
N LEU E 29 1.82 -25.37 6.54
CA LEU E 29 0.71 -25.98 5.81
C LEU E 29 0.92 -27.47 5.56
N GLU E 30 2.15 -27.96 5.68
CA GLU E 30 2.45 -29.36 5.35
C GLU E 30 1.61 -30.35 6.16
N ASN E 31 1.22 -29.97 7.37
CA ASN E 31 0.47 -30.82 8.29
C ASN E 31 -1.03 -30.61 8.20
N LYS E 32 -1.51 -29.80 7.27
CA LYS E 32 -2.91 -29.41 7.25
C LYS E 32 -3.54 -29.81 5.93
N ALA E 33 -4.86 -29.91 5.94
CA ALA E 33 -5.64 -29.89 4.72
C ALA E 33 -6.00 -28.44 4.41
N ILE E 34 -5.98 -28.09 3.13
CA ILE E 34 -6.31 -26.76 2.68
C ILE E 34 -7.37 -26.86 1.59
N GLY E 35 -8.48 -26.16 1.79
CA GLY E 35 -9.58 -26.19 0.86
C GLY E 35 -9.85 -24.81 0.30
N TRP E 36 -10.34 -24.79 -0.93
CA TRP E 36 -10.74 -23.57 -1.61
C TRP E 36 -12.25 -23.54 -1.74
N PHE E 37 -12.83 -22.37 -1.46
CA PHE E 37 -14.25 -22.14 -1.61
C PHE E 37 -14.44 -20.85 -2.40
N ARG E 38 -15.47 -20.83 -3.25
CA ARG E 38 -15.83 -19.61 -3.99
C ARG E 38 -17.25 -19.18 -3.62
N GLN E 39 -17.41 -17.89 -3.32
CA GLN E 39 -18.72 -17.32 -3.03
C GLN E 39 -18.92 -16.01 -3.79
N THR E 40 -20.14 -15.80 -4.29
CA THR E 40 -20.64 -14.54 -4.84
C THR E 40 -21.71 -13.96 -3.92
N PRO E 41 -21.88 -12.63 -3.86
CA PRO E 41 -22.87 -12.03 -2.97
C PRO E 41 -24.33 -12.32 -3.38
N ARG E 45 -21.17 -19.61 -0.20
CA ARG E 45 -19.92 -20.36 -0.31
C ARG E 45 -20.18 -21.71 -0.96
N GLU E 46 -19.28 -22.12 -1.85
CA GLU E 46 -19.36 -23.40 -2.52
C GLU E 46 -17.97 -24.02 -2.50
N GLY E 47 -17.90 -25.29 -2.14
CA GLY E 47 -16.61 -25.96 -2.14
C GLY E 47 -16.08 -26.15 -3.54
N VAL E 48 -14.77 -26.04 -3.68
CA VAL E 48 -14.15 -26.21 -4.99
C VAL E 48 -13.25 -27.43 -5.01
N LEU E 49 -12.17 -27.40 -4.22
CA LEU E 49 -11.13 -28.40 -4.29
C LEU E 49 -10.28 -28.29 -3.04
N CYS E 50 -9.96 -29.44 -2.43
CA CYS E 50 -9.19 -29.51 -1.19
C CYS E 50 -8.01 -30.44 -1.40
N ILE E 51 -6.93 -30.19 -0.67
CA ILE E 51 -5.78 -31.08 -0.67
C ILE E 51 -5.51 -31.47 0.77
N SER E 52 -5.44 -32.77 1.04
CA SER E 52 -5.28 -33.24 2.40
C SER E 52 -3.81 -33.20 2.82
N LYS E 53 -3.56 -33.41 4.11
CA LYS E 53 -2.19 -33.53 4.61
C LYS E 53 -1.41 -34.59 3.85
N SER E 54 -2.04 -35.72 3.54
CA SER E 54 -1.37 -36.79 2.81
C SER E 54 -1.20 -36.51 1.32
N GLY E 55 -1.73 -35.40 0.81
CA GLY E 55 -1.54 -35.02 -0.57
C GLY E 55 -2.65 -35.42 -1.52
N SER E 56 -3.74 -36.01 -1.03
CA SER E 56 -4.81 -36.42 -1.93
C SER E 56 -5.72 -35.24 -2.24
N TRP E 57 -6.26 -35.23 -3.46
CA TRP E 57 -7.13 -34.15 -3.91
C TRP E 57 -8.58 -34.57 -3.75
N THR E 58 -9.41 -33.68 -3.22
CA THR E 58 -10.82 -33.94 -3.10
C THR E 58 -11.56 -32.84 -3.86
N TYR E 59 -12.23 -33.20 -4.95
CA TYR E 59 -13.07 -32.27 -5.70
C TYR E 59 -14.44 -32.21 -5.04
N TYR E 60 -14.76 -31.08 -4.42
CA TYR E 60 -16.16 -30.81 -4.16
C TYR E 60 -16.81 -30.31 -5.45
N THR E 61 -18.13 -30.46 -5.54
CA THR E 61 -18.89 -30.13 -6.76
C THR E 61 -18.41 -30.94 -7.97
N ARG E 65 -14.15 -29.66 -13.30
CA ARG E 65 -13.23 -30.54 -12.58
C ARG E 65 -11.89 -30.66 -13.31
N GLY E 66 -11.94 -30.71 -14.64
CA GLY E 66 -10.72 -30.77 -15.41
C GLY E 66 -9.96 -29.47 -15.50
N ARG E 67 -10.59 -28.35 -15.12
CA ARG E 67 -9.96 -27.05 -15.21
C ARG E 67 -9.31 -26.57 -13.91
N PHE E 68 -9.60 -27.20 -12.77
CA PHE E 68 -9.06 -26.82 -11.47
C PHE E 68 -8.09 -27.89 -10.98
N THR E 69 -6.88 -27.47 -10.61
CA THR E 69 -5.89 -28.34 -9.98
C THR E 69 -5.34 -27.63 -8.75
N ILE E 70 -4.63 -28.38 -7.92
CA ILE E 70 -4.14 -27.87 -6.64
C ILE E 70 -2.75 -28.44 -6.39
N SER E 71 -1.89 -27.64 -5.76
CA SER E 71 -0.58 -28.13 -5.36
C SER E 71 -0.17 -27.41 -4.08
N ARG E 72 0.77 -28.01 -3.36
CA ARG E 72 1.31 -27.45 -2.14
C ARG E 72 2.83 -27.35 -2.31
N ASP E 73 3.38 -26.23 -1.86
CA ASP E 73 4.80 -25.95 -2.01
C ASP E 73 5.34 -25.69 -0.60
N ASN E 74 6.11 -26.65 -0.07
CA ASN E 74 6.47 -26.60 1.33
C ASN E 74 7.56 -25.57 1.62
N ALA E 75 8.48 -25.35 0.69
CA ALA E 75 9.43 -24.25 0.85
C ALA E 75 8.72 -22.90 0.92
N GLU E 76 7.71 -22.69 0.07
CA GLU E 76 6.97 -21.44 0.11
C GLU E 76 5.91 -21.40 1.20
N ASN E 77 5.60 -22.55 1.82
CA ASN E 77 4.52 -22.62 2.80
C ASN E 77 3.23 -22.06 2.20
N THR E 78 2.95 -22.51 0.97
CA THR E 78 1.87 -21.96 0.16
C THR E 78 1.16 -23.09 -0.58
N VAL E 79 -0.15 -22.95 -0.73
CA VAL E 79 -0.97 -23.84 -1.56
C VAL E 79 -1.48 -23.03 -2.76
N TYR E 80 -1.40 -23.61 -3.96
CA TYR E 80 -1.82 -22.94 -5.18
C TYR E 80 -3.04 -23.62 -5.77
N LEU E 81 -4.03 -22.83 -6.15
CA LEU E 81 -5.18 -23.28 -6.93
C LEU E 81 -4.99 -22.81 -8.37
N GLN E 82 -4.64 -23.74 -9.25
CA GLN E 82 -4.46 -23.45 -10.66
C GLN E 82 -5.78 -23.72 -11.39
N MET E 83 -6.30 -22.71 -12.09
CA MET E 83 -7.56 -22.87 -12.80
C MET E 83 -7.43 -22.37 -14.22
N ASP E 84 -7.81 -23.22 -15.17
CA ASP E 84 -7.73 -22.96 -16.60
C ASP E 84 -9.12 -22.94 -17.20
N SER E 85 -9.20 -22.51 -18.47
CA SER E 85 -10.45 -22.45 -19.22
C SER E 85 -11.54 -21.79 -18.39
N LEU E 86 -11.20 -20.66 -17.79
CA LEU E 86 -12.16 -19.97 -16.93
C LEU E 86 -13.40 -19.56 -17.74
N LYS E 87 -14.53 -19.48 -17.05
CA LYS E 87 -15.79 -19.13 -17.67
C LYS E 87 -16.52 -18.16 -16.76
N PRO E 88 -17.43 -17.34 -17.30
CA PRO E 88 -18.16 -16.38 -16.45
C PRO E 88 -18.83 -17.04 -15.25
N GLU E 89 -19.15 -18.33 -15.34
CA GLU E 89 -19.67 -19.07 -14.19
C GLU E 89 -18.65 -19.15 -13.06
N ASP E 90 -17.37 -18.94 -13.34
CA ASP E 90 -16.33 -19.02 -12.33
C ASP E 90 -16.06 -17.70 -11.64
N THR E 91 -16.68 -16.61 -12.07
CA THR E 91 -16.48 -15.32 -11.42
C THR E 91 -17.00 -15.35 -10.00
N ALA E 92 -16.13 -15.07 -9.03
CA ALA E 92 -16.48 -15.17 -7.61
C ALA E 92 -15.32 -14.68 -6.76
N VAL E 93 -15.56 -14.61 -5.45
CA VAL E 93 -14.54 -14.31 -4.45
C VAL E 93 -14.07 -15.64 -3.85
N TYR E 94 -12.86 -16.05 -4.19
CA TYR E 94 -12.32 -17.35 -3.77
C TYR E 94 -11.59 -17.22 -2.43
N TYR E 95 -11.91 -18.12 -1.51
CA TYR E 95 -11.32 -18.16 -0.19
C TYR E 95 -10.55 -19.45 0.00
N CYS E 96 -9.49 -19.40 0.79
CA CYS E 96 -8.82 -20.62 1.23
C CYS E 96 -9.01 -20.75 2.72
N ALA E 97 -8.96 -22.00 3.20
CA ALA E 97 -9.22 -22.30 4.59
C ALA E 97 -8.47 -23.55 5.01
N THR E 98 -8.21 -23.63 6.31
CA THR E 98 -7.57 -24.80 6.89
C THR E 98 -8.26 -25.11 8.21
N THR E 99 -7.89 -26.24 8.78
CA THR E 99 -8.59 -26.73 9.93
C THR E 99 -7.63 -27.27 10.97
N THR E 100 -7.74 -26.77 12.21
CA THR E 100 -6.91 -27.32 13.29
C THR E 100 -7.38 -28.72 13.64
N ALA E 101 -8.68 -28.94 13.57
CA ALA E 101 -9.30 -30.24 13.77
C ALA E 101 -9.30 -31.01 12.45
N GLY E 102 -9.93 -32.18 12.46
CA GLY E 102 -9.94 -33.03 11.29
C GLY E 102 -8.83 -34.05 11.27
N GLY E 103 -7.58 -33.61 11.47
CA GLY E 103 -6.44 -34.49 11.27
C GLY E 103 -5.85 -34.43 9.89
N GLY E 104 -6.03 -33.33 9.18
CA GLY E 104 -5.52 -33.23 7.83
C GLY E 104 -6.44 -33.83 6.79
N LEU E 105 -7.70 -34.04 7.13
CA LEU E 105 -8.72 -34.61 6.25
C LEU E 105 -9.42 -33.53 5.47
N CYS E 106 -9.83 -33.88 4.24
CA CYS E 106 -10.57 -32.91 3.45
C CYS E 106 -12.05 -32.81 3.81
N TRP E 107 -12.60 -33.76 4.57
CA TRP E 107 -14.02 -33.78 4.90
C TRP E 107 -14.90 -33.56 3.68
N ASP E 108 -16.13 -33.17 3.92
CA ASP E 108 -17.02 -32.64 2.89
C ASP E 108 -17.06 -31.13 3.02
N GLY E 109 -17.47 -30.47 1.92
CA GLY E 109 -17.42 -29.02 1.87
C GLY E 109 -18.10 -28.35 3.05
N THR E 110 -19.32 -28.77 3.36
CA THR E 110 -20.07 -28.12 4.43
C THR E 110 -19.40 -28.36 5.78
N THR E 111 -18.97 -29.60 6.04
CA THR E 111 -18.27 -29.87 7.28
C THR E 111 -16.96 -29.09 7.34
N PHE E 112 -16.23 -29.05 6.24
CA PHE E 112 -14.93 -28.38 6.25
C PHE E 112 -15.09 -26.90 6.52
N SER E 113 -16.04 -26.24 5.84
CA SER E 113 -16.26 -24.82 6.07
C SER E 113 -16.66 -24.54 7.50
N ARG E 114 -17.45 -25.42 8.13
CA ARG E 114 -17.82 -25.18 9.53
C ARG E 114 -16.66 -25.46 10.48
N LEU E 115 -15.77 -26.39 10.13
CA LEU E 115 -14.62 -26.67 10.98
C LEU E 115 -13.46 -25.71 10.77
N ALA E 116 -13.47 -24.93 9.69
CA ALA E 116 -12.30 -24.11 9.37
C ALA E 116 -12.01 -23.12 10.49
N SER E 117 -10.77 -23.17 11.01
CA SER E 117 -10.30 -22.26 12.06
C SER E 117 -9.51 -21.09 11.51
N SER E 118 -9.11 -21.14 10.25
CA SER E 118 -8.39 -20.04 9.65
C SER E 118 -8.92 -19.86 8.25
N TRP E 119 -9.35 -18.64 7.96
CA TRP E 119 -9.76 -18.23 6.63
C TRP E 119 -8.81 -17.18 6.09
N GLY E 120 -8.67 -17.16 4.77
CA GLY E 120 -8.07 -16.03 4.10
C GLY E 120 -9.05 -14.88 4.01
N GLN E 121 -8.58 -13.78 3.45
CA GLN E 121 -9.38 -12.57 3.29
C GLN E 121 -10.19 -12.59 2.00
N GLY E 122 -10.02 -13.62 1.19
CA GLY E 122 -10.69 -13.66 -0.09
C GLY E 122 -9.91 -12.91 -1.16
N THR E 123 -10.17 -13.30 -2.40
CA THR E 123 -9.60 -12.62 -3.55
C THR E 123 -10.58 -12.81 -4.70
N GLN E 124 -10.63 -11.81 -5.57
CA GLN E 124 -11.70 -11.63 -6.53
C GLN E 124 -11.25 -12.09 -7.93
N VAL E 125 -12.09 -12.89 -8.59
CA VAL E 125 -11.83 -13.39 -9.94
C VAL E 125 -12.99 -12.98 -10.83
N THR E 126 -12.69 -12.64 -12.09
CA THR E 126 -13.68 -12.25 -13.10
C THR E 126 -13.26 -12.74 -14.49
N VAL E 127 -14.18 -13.41 -15.17
CA VAL E 127 -13.93 -13.92 -16.52
C VAL E 127 -14.83 -13.18 -17.51
N SER E 128 -14.24 -12.76 -18.63
CA SER E 128 -14.95 -12.11 -19.74
C SER E 128 -13.96 -11.70 -20.84
N VAL F 2 -16.77 5.95 -12.43
CA VAL F 2 -18.06 6.05 -11.73
C VAL F 2 -18.17 4.98 -10.62
N GLN F 3 -17.83 5.34 -9.37
CA GLN F 3 -17.83 4.36 -8.29
C GLN F 3 -18.43 4.96 -7.03
N LEU F 4 -18.94 4.07 -6.16
CA LEU F 4 -19.19 4.34 -4.75
C LEU F 4 -18.32 3.42 -3.92
N VAL F 5 -17.51 3.99 -3.03
CA VAL F 5 -16.59 3.23 -2.19
C VAL F 5 -16.97 3.43 -0.73
N GLU F 6 -17.17 2.34 -0.01
CA GLU F 6 -17.54 2.41 1.40
C GLU F 6 -16.33 2.15 2.28
N SER F 7 -16.34 2.80 3.44
CA SER F 7 -15.28 2.61 4.41
C SER F 7 -15.85 2.98 5.77
N GLY F 8 -15.04 2.80 6.81
CA GLY F 8 -15.46 3.10 8.16
C GLY F 8 -15.97 1.92 8.94
N GLY F 9 -16.21 0.79 8.28
CA GLY F 9 -16.62 -0.40 9.01
C GLY F 9 -15.50 -0.94 9.88
N GLY F 10 -15.88 -1.46 11.03
CA GLY F 10 -14.91 -2.06 11.91
C GLY F 10 -15.56 -2.94 12.94
N LEU F 11 -14.86 -3.09 14.06
CA LEU F 11 -15.31 -3.94 15.15
C LEU F 11 -15.56 -3.05 16.36
N VAL F 12 -16.75 -3.13 16.92
CA VAL F 12 -17.08 -2.44 18.17
C VAL F 12 -17.99 -3.34 18.99
N GLN F 13 -18.50 -2.83 20.10
CA GLN F 13 -19.29 -3.59 21.06
C GLN F 13 -20.44 -2.72 21.58
N PRO F 14 -21.36 -3.23 22.42
CA PRO F 14 -22.56 -2.45 22.76
C PRO F 14 -22.23 -1.08 23.32
N GLY F 15 -23.09 -0.11 22.99
CA GLY F 15 -22.83 1.28 23.29
C GLY F 15 -21.85 1.96 22.37
N GLY F 16 -21.05 1.20 21.63
CA GLY F 16 -20.08 1.80 20.74
C GLY F 16 -20.73 2.58 19.61
N SER F 17 -19.94 3.48 19.04
CA SER F 17 -20.36 4.30 17.91
C SER F 17 -19.45 4.04 16.73
N LEU F 18 -19.96 4.32 15.54
CA LEU F 18 -19.24 4.03 14.31
C LEU F 18 -19.79 4.94 13.21
N ARG F 19 -18.91 5.42 12.34
CA ARG F 19 -19.29 6.36 11.27
C ARG F 19 -18.84 5.79 9.93
N LEU F 20 -19.79 5.31 9.14
CA LEU F 20 -19.48 4.82 7.82
C LEU F 20 -19.49 5.99 6.83
N SER F 21 -18.78 5.80 5.73
CA SER F 21 -18.73 6.82 4.70
C SER F 21 -18.96 6.15 3.36
N CYS F 22 -19.56 6.92 2.46
CA CYS F 22 -19.89 6.49 1.10
C CYS F 22 -19.33 7.56 0.19
N ALA F 23 -18.24 7.25 -0.49
CA ALA F 23 -17.50 8.25 -1.24
C ALA F 23 -17.72 8.01 -2.73
N ALA F 24 -17.97 9.08 -3.45
CA ALA F 24 -18.24 9.01 -4.87
C ALA F 24 -17.04 9.54 -5.66
N THR F 25 -16.85 8.97 -6.84
CA THR F 25 -15.93 9.47 -7.85
C THR F 25 -16.61 9.32 -9.19
N GLY F 26 -16.52 10.36 -10.03
CA GLY F 26 -17.14 10.34 -11.34
C GLY F 26 -18.48 11.03 -11.40
N PHE F 27 -19.08 11.34 -10.26
CA PHE F 27 -20.37 12.03 -10.23
C PHE F 27 -20.49 12.73 -8.88
N THR F 28 -21.51 13.58 -8.79
CA THR F 28 -21.72 14.46 -7.64
C THR F 28 -22.89 13.95 -6.80
N LEU F 29 -22.64 13.67 -5.52
CA LEU F 29 -23.71 13.20 -4.65
C LEU F 29 -24.69 14.30 -4.27
N GLU F 30 -24.29 15.56 -4.38
CA GLU F 30 -25.17 16.65 -3.96
C GLU F 30 -26.48 16.66 -4.75
N ASN F 31 -26.47 16.11 -5.96
CA ASN F 31 -27.63 16.09 -6.85
C ASN F 31 -28.45 14.81 -6.73
N LYS F 32 -28.07 13.90 -5.85
CA LYS F 32 -28.63 12.57 -5.77
C LYS F 32 -29.23 12.33 -4.40
N ALA F 33 -30.11 11.33 -4.34
CA ALA F 33 -30.50 10.69 -3.10
C ALA F 33 -29.57 9.51 -2.85
N ILE F 34 -29.21 9.29 -1.59
CA ILE F 34 -28.30 8.23 -1.22
C ILE F 34 -28.93 7.45 -0.08
N GLY F 35 -29.01 6.15 -0.24
CA GLY F 35 -29.65 5.29 0.72
C GLY F 35 -28.68 4.27 1.27
N TRP F 36 -28.86 3.93 2.54
CA TRP F 36 -28.05 2.92 3.20
C TRP F 36 -28.88 1.66 3.39
N PHE F 37 -28.31 0.52 3.02
CA PHE F 37 -28.94 -0.77 3.19
C PHE F 37 -27.98 -1.68 3.93
N ARG F 38 -28.53 -2.62 4.71
CA ARG F 38 -27.71 -3.62 5.37
C ARG F 38 -28.23 -5.01 5.07
N GLN F 39 -27.35 -6.00 5.24
CA GLN F 39 -27.70 -7.39 5.01
C GLN F 39 -26.79 -8.27 5.87
N THR F 40 -27.37 -9.36 6.34
CA THR F 40 -26.71 -10.42 7.10
C THR F 40 -26.82 -11.71 6.29
N PRO F 41 -25.95 -12.69 6.53
CA PRO F 41 -25.96 -13.91 5.69
C PRO F 41 -27.32 -14.57 5.60
N GLY F 42 -27.62 -15.10 4.41
CA GLY F 42 -28.88 -15.75 4.13
C GLY F 42 -30.06 -14.81 4.04
N SER F 43 -30.26 -14.03 5.11
CA SER F 43 -31.39 -13.10 5.20
C SER F 43 -31.27 -11.99 4.16
N GLU F 44 -32.42 -11.44 3.77
CA GLU F 44 -32.46 -10.48 2.68
C GLU F 44 -31.97 -9.11 3.15
N ARG F 45 -31.89 -8.19 2.20
CA ARG F 45 -31.49 -6.82 2.48
C ARG F 45 -32.55 -6.11 3.31
N GLU F 46 -32.12 -5.08 4.02
CA GLU F 46 -33.03 -4.19 4.72
C GLU F 46 -32.57 -2.76 4.53
N GLY F 47 -33.52 -1.88 4.22
CA GLY F 47 -33.21 -0.46 4.18
C GLY F 47 -33.01 0.11 5.56
N VAL F 48 -32.19 1.15 5.63
CA VAL F 48 -31.86 1.79 6.91
C VAL F 48 -32.32 3.24 6.88
N LEU F 49 -31.64 4.05 6.07
CA LEU F 49 -31.82 5.49 6.11
C LEU F 49 -31.37 6.05 4.77
N CYS F 50 -32.07 7.09 4.32
CA CYS F 50 -31.78 7.72 3.04
C CYS F 50 -31.77 9.22 3.23
N ILE F 51 -30.93 9.92 2.48
CA ILE F 51 -30.95 11.37 2.40
C ILE F 51 -31.31 11.77 0.98
N SER F 52 -32.28 12.67 0.84
CA SER F 52 -32.73 13.04 -0.49
C SER F 52 -31.84 14.14 -1.07
N LYS F 53 -31.98 14.36 -2.38
CA LYS F 53 -31.30 15.46 -3.04
C LYS F 53 -31.59 16.80 -2.35
N SER F 54 -32.83 17.02 -1.94
CA SER F 54 -33.11 18.26 -1.23
C SER F 54 -32.75 18.22 0.26
N GLY F 55 -32.27 17.08 0.79
CA GLY F 55 -31.78 17.06 2.15
C GLY F 55 -32.70 16.46 3.20
N SER F 56 -33.88 15.96 2.83
CA SER F 56 -34.74 15.29 3.80
C SER F 56 -34.17 13.93 4.18
N TRP F 57 -34.34 13.53 5.44
CA TRP F 57 -33.98 12.18 5.89
C TRP F 57 -35.21 11.31 5.91
N THR F 58 -35.12 10.14 5.30
CA THR F 58 -36.19 9.14 5.33
C THR F 58 -35.68 7.88 6.03
N TYR F 59 -36.22 7.57 7.21
CA TYR F 59 -35.89 6.33 7.94
C TYR F 59 -36.68 5.18 7.35
N TYR F 60 -36.00 4.32 6.60
CA TYR F 60 -36.61 3.10 6.07
C TYR F 60 -36.94 2.13 7.20
N THR F 61 -36.05 2.02 8.17
CA THR F 61 -36.22 1.08 9.26
C THR F 61 -37.17 1.65 10.29
N ASP F 62 -38.06 0.79 10.79
CA ASP F 62 -38.89 1.18 11.92
C ASP F 62 -38.06 1.28 13.19
N SER F 63 -37.14 0.34 13.38
CA SER F 63 -36.45 0.18 14.65
C SER F 63 -35.29 1.16 14.77
N MET F 64 -35.15 1.73 15.97
CA MET F 64 -33.97 2.48 16.39
C MET F 64 -33.65 3.60 15.40
N ARG F 65 -34.45 4.67 15.50
CA ARG F 65 -34.26 5.81 14.64
C ARG F 65 -33.20 6.75 15.19
N GLY F 66 -33.21 6.99 16.50
CA GLY F 66 -32.28 7.94 17.08
C GLY F 66 -30.82 7.52 16.94
N ARG F 67 -30.56 6.22 16.86
CA ARG F 67 -29.20 5.73 16.80
C ARG F 67 -28.50 6.11 15.50
N PHE F 68 -29.22 6.03 14.37
CA PHE F 68 -28.65 6.27 13.05
C PHE F 68 -28.98 7.69 12.60
N THR F 69 -27.95 8.46 12.24
CA THR F 69 -28.11 9.75 11.60
C THR F 69 -27.31 9.77 10.30
N ILE F 70 -27.64 10.72 9.42
CA ILE F 70 -27.03 10.75 8.09
C ILE F 70 -26.62 12.18 7.79
N SER F 71 -25.57 12.33 6.98
CA SER F 71 -25.12 13.66 6.60
C SER F 71 -24.42 13.57 5.25
N ARG F 72 -24.32 14.72 4.60
CA ARG F 72 -23.74 14.81 3.27
C ARG F 72 -22.77 15.98 3.25
N ASP F 73 -21.57 15.74 2.75
CA ASP F 73 -20.53 16.76 2.69
C ASP F 73 -20.17 16.94 1.22
N ASN F 74 -20.47 18.13 0.67
CA ASN F 74 -20.30 18.37 -0.76
C ASN F 74 -18.83 18.42 -1.15
N ALA F 75 -17.99 19.08 -0.32
CA ALA F 75 -16.57 19.17 -0.64
C ALA F 75 -15.91 17.80 -0.66
N GLU F 76 -16.24 16.96 0.32
CA GLU F 76 -15.72 15.58 0.34
C GLU F 76 -16.40 14.70 -0.69
N ASN F 77 -17.53 15.14 -1.26
CA ASN F 77 -18.34 14.32 -2.14
C ASN F 77 -18.67 12.97 -1.49
N THR F 78 -19.10 13.04 -0.22
CA THR F 78 -19.29 11.87 0.61
C THR F 78 -20.56 11.98 1.44
N VAL F 79 -21.25 10.87 1.62
CA VAL F 79 -22.33 10.76 2.59
C VAL F 79 -21.83 9.90 3.76
N TYR F 80 -22.21 10.29 4.98
CA TYR F 80 -21.80 9.59 6.20
C TYR F 80 -23.02 9.05 6.92
N LEU F 81 -22.92 7.79 7.36
CA LEU F 81 -23.93 7.19 8.22
C LEU F 81 -23.34 7.10 9.62
N GLN F 82 -23.90 7.88 10.54
CA GLN F 82 -23.45 7.87 11.93
C GLN F 82 -24.28 6.87 12.71
N MET F 83 -23.61 5.90 13.34
CA MET F 83 -24.28 4.86 14.10
C MET F 83 -23.84 4.95 15.56
N ASP F 84 -24.79 5.18 16.46
CA ASP F 84 -24.55 5.34 17.89
C ASP F 84 -25.32 4.29 18.68
N SER F 85 -24.87 4.05 19.91
CA SER F 85 -25.53 3.11 20.83
C SER F 85 -25.80 1.77 20.16
N LEU F 86 -24.76 1.23 19.51
CA LEU F 86 -24.94 0.05 18.67
C LEU F 86 -25.29 -1.17 19.50
N LYS F 87 -26.13 -2.03 18.92
CA LYS F 87 -26.62 -3.27 19.50
C LYS F 87 -26.06 -4.46 18.74
N PRO F 88 -25.93 -5.62 19.38
CA PRO F 88 -25.37 -6.80 18.69
C PRO F 88 -26.11 -7.16 17.40
N GLU F 89 -27.42 -6.91 17.34
CA GLU F 89 -28.19 -7.22 16.12
C GLU F 89 -27.87 -6.28 14.97
N ASP F 90 -27.24 -5.14 15.24
CA ASP F 90 -26.80 -4.25 14.16
C ASP F 90 -25.69 -4.86 13.32
N THR F 91 -25.12 -5.99 13.76
CA THR F 91 -24.05 -6.62 13.00
C THR F 91 -24.56 -7.04 11.63
N ALA F 92 -23.94 -6.52 10.59
CA ALA F 92 -24.27 -6.87 9.20
C ALA F 92 -23.28 -6.18 8.27
N VAL F 93 -23.40 -6.51 6.98
CA VAL F 93 -22.71 -5.74 5.94
C VAL F 93 -23.59 -4.56 5.57
N TYR F 94 -23.01 -3.36 5.53
CA TYR F 94 -23.74 -2.14 5.24
C TYR F 94 -23.39 -1.63 3.85
N TYR F 95 -24.41 -1.29 3.07
CA TYR F 95 -24.24 -0.84 1.69
C TYR F 95 -24.84 0.55 1.52
N CYS F 96 -24.21 1.39 0.71
CA CYS F 96 -24.85 2.60 0.24
C CYS F 96 -25.21 2.44 -1.24
N ALA F 97 -26.23 3.17 -1.66
CA ALA F 97 -26.71 3.04 -3.02
C ALA F 97 -27.30 4.36 -3.46
N THR F 98 -27.26 4.55 -4.77
CA THR F 98 -27.77 5.74 -5.40
C THR F 98 -28.41 5.31 -6.71
N THR F 99 -29.26 6.17 -7.26
CA THR F 99 -30.01 5.80 -8.45
C THR F 99 -30.30 7.02 -9.30
N THR F 100 -30.05 6.89 -10.61
CA THR F 100 -30.37 7.94 -11.56
C THR F 100 -31.87 7.96 -11.88
N ALA F 101 -32.46 6.78 -12.08
CA ALA F 101 -33.91 6.68 -12.07
C ALA F 101 -34.42 6.92 -10.66
N GLY F 102 -35.60 7.54 -10.57
CA GLY F 102 -36.13 7.98 -9.31
C GLY F 102 -35.88 9.44 -9.02
N GLY F 103 -34.78 9.99 -9.54
CA GLY F 103 -34.53 11.42 -9.52
C GLY F 103 -34.60 12.13 -8.18
N GLY F 104 -33.59 11.89 -7.33
CA GLY F 104 -33.41 12.67 -6.12
C GLY F 104 -34.30 12.28 -4.96
N LEU F 105 -35.22 11.34 -5.14
CA LEU F 105 -36.19 10.97 -4.12
C LEU F 105 -35.78 9.71 -3.39
N CYS F 106 -36.21 9.59 -2.14
CA CYS F 106 -35.83 8.42 -1.34
C CYS F 106 -36.73 7.20 -1.58
N TRP F 107 -37.93 7.39 -2.11
CA TRP F 107 -38.88 6.28 -2.31
C TRP F 107 -39.06 5.55 -0.98
N ASP F 108 -39.37 4.27 -1.06
CA ASP F 108 -39.32 3.37 0.08
C ASP F 108 -38.17 2.39 -0.13
N GLY F 109 -37.92 1.59 0.92
CA GLY F 109 -36.77 0.70 0.89
C GLY F 109 -36.77 -0.21 -0.31
N THR F 110 -37.89 -0.90 -0.55
CA THR F 110 -37.97 -1.86 -1.65
C THR F 110 -37.78 -1.17 -2.99
N THR F 111 -38.51 -0.08 -3.21
CA THR F 111 -38.42 0.60 -4.49
C THR F 111 -36.99 1.08 -4.75
N PHE F 112 -36.35 1.65 -3.73
CA PHE F 112 -35.03 2.26 -3.92
C PHE F 112 -33.99 1.20 -4.22
N SER F 113 -33.99 0.09 -3.46
CA SER F 113 -33.02 -0.97 -3.73
C SER F 113 -33.19 -1.51 -5.15
N ARG F 114 -34.43 -1.62 -5.62
CA ARG F 114 -34.66 -2.17 -6.95
C ARG F 114 -34.21 -1.23 -8.07
N LEU F 115 -34.40 0.08 -7.90
CA LEU F 115 -33.98 1.02 -8.94
C LEU F 115 -32.51 1.40 -8.83
N ALA F 116 -31.83 0.99 -7.75
CA ALA F 116 -30.48 1.46 -7.44
C ALA F 116 -29.53 1.18 -8.59
N SER F 117 -28.89 2.25 -9.08
CA SER F 117 -28.00 2.17 -10.23
C SER F 117 -26.56 1.88 -9.81
N SER F 118 -26.08 2.52 -8.74
CA SER F 118 -24.72 2.35 -8.26
C SER F 118 -24.76 1.83 -6.84
N TRP F 119 -23.99 0.79 -6.58
CA TRP F 119 -23.86 0.19 -5.26
C TRP F 119 -22.44 0.37 -4.75
N GLY F 120 -22.31 0.53 -3.45
CA GLY F 120 -21.01 0.38 -2.83
C GLY F 120 -20.68 -1.08 -2.65
N GLN F 121 -19.43 -1.35 -2.26
CA GLN F 121 -18.96 -2.72 -2.15
C GLN F 121 -19.38 -3.39 -0.85
N GLY F 122 -19.92 -2.62 0.08
CA GLY F 122 -20.25 -3.15 1.40
C GLY F 122 -19.09 -2.99 2.36
N THR F 123 -19.44 -2.77 3.63
CA THR F 123 -18.46 -2.75 4.71
C THR F 123 -19.05 -3.53 5.87
N GLN F 124 -18.26 -4.43 6.45
CA GLN F 124 -18.74 -5.27 7.53
C GLN F 124 -18.67 -4.52 8.84
N VAL F 125 -19.78 -4.53 9.58
CA VAL F 125 -19.84 -4.01 10.94
C VAL F 125 -20.22 -5.15 11.86
N THR F 126 -19.46 -5.33 12.93
CA THR F 126 -19.70 -6.37 13.92
C THR F 126 -19.84 -5.74 15.29
N VAL F 127 -20.88 -6.13 16.02
CA VAL F 127 -21.11 -5.65 17.38
C VAL F 127 -21.13 -6.83 18.33
N SER F 128 -20.39 -6.71 19.44
CA SER F 128 -20.28 -7.82 20.39
C SER F 128 -20.76 -7.43 21.78
N VAL G 2 20.43 -43.89 24.09
CA VAL G 2 19.85 -42.82 23.28
C VAL G 2 20.52 -42.77 21.89
N GLN G 3 19.72 -42.55 20.84
CA GLN G 3 20.29 -42.58 19.50
C GLN G 3 19.31 -42.00 18.48
N LEU G 4 19.87 -41.50 17.39
CA LEU G 4 19.12 -41.09 16.21
C LEU G 4 19.28 -42.17 15.14
N VAL G 5 18.16 -42.60 14.57
CA VAL G 5 18.15 -43.62 13.52
C VAL G 5 17.65 -42.99 12.24
N GLU G 6 18.44 -43.12 11.17
CA GLU G 6 18.05 -42.63 9.85
C GLU G 6 17.60 -43.76 8.94
N SER G 7 16.96 -43.35 7.85
CA SER G 7 16.44 -44.29 6.87
C SER G 7 15.94 -43.49 5.68
N GLY G 8 15.57 -44.21 4.63
CA GLY G 8 14.99 -43.64 3.44
C GLY G 8 15.97 -43.46 2.31
N GLY G 9 17.25 -43.66 2.55
CA GLY G 9 18.23 -43.50 1.48
C GLY G 9 18.08 -44.58 0.43
N GLY G 10 18.81 -44.43 -0.64
CA GLY G 10 18.77 -45.47 -1.64
C GLY G 10 19.17 -44.92 -3.00
N LEU G 11 18.66 -45.61 -4.02
CA LEU G 11 19.01 -45.35 -5.41
C LEU G 11 17.87 -44.59 -6.07
N VAL G 12 18.19 -43.49 -6.73
CA VAL G 12 17.19 -42.67 -7.41
C VAL G 12 17.74 -42.19 -8.75
N GLN G 13 16.83 -41.93 -9.68
CA GLN G 13 17.20 -41.41 -10.98
C GLN G 13 17.43 -39.91 -10.89
N PRO G 14 18.28 -39.35 -11.76
CA PRO G 14 18.37 -37.90 -11.84
C PRO G 14 16.98 -37.30 -12.01
N GLY G 15 16.75 -36.20 -11.29
CA GLY G 15 15.43 -35.61 -11.24
C GLY G 15 14.43 -36.35 -10.37
N GLY G 16 14.85 -37.42 -9.70
CA GLY G 16 13.98 -38.11 -8.77
C GLY G 16 13.85 -37.39 -7.45
N SER G 17 13.14 -38.03 -6.52
N SER G 17 13.15 -38.04 -6.52
CA SER G 17 12.94 -37.48 -5.19
CA SER G 17 12.89 -37.50 -5.20
C SER G 17 13.14 -38.58 -4.16
C SER G 17 13.11 -38.58 -4.15
N LEU G 18 13.36 -38.15 -2.91
CA LEU G 18 13.69 -39.07 -1.85
C LEU G 18 13.44 -38.35 -0.52
N ARG G 19 12.91 -39.07 0.46
CA ARG G 19 12.58 -38.52 1.77
C ARG G 19 13.37 -39.29 2.83
N LEU G 20 14.34 -38.63 3.46
CA LEU G 20 15.09 -39.25 4.53
C LEU G 20 14.40 -38.95 5.86
N SER G 21 14.46 -39.90 6.79
CA SER G 21 13.91 -39.72 8.11
C SER G 21 15.01 -39.84 9.15
N CYS G 22 14.83 -39.10 10.23
CA CYS G 22 15.74 -39.08 11.37
C CYS G 22 14.83 -39.20 12.59
N ALA G 23 14.75 -40.40 13.15
CA ALA G 23 13.91 -40.69 14.30
C ALA G 23 14.75 -40.91 15.54
N ALA G 24 14.30 -40.35 16.65
CA ALA G 24 15.03 -40.38 17.91
C ALA G 24 14.49 -41.49 18.82
N THR G 25 15.41 -42.12 19.53
CA THR G 25 15.08 -43.14 20.52
C THR G 25 15.77 -42.78 21.82
N GLY G 26 14.98 -42.51 22.86
CA GLY G 26 15.51 -42.21 24.16
C GLY G 26 15.55 -40.75 24.52
N PHE G 27 15.07 -39.88 23.64
CA PHE G 27 14.96 -38.46 23.93
C PHE G 27 13.98 -37.85 22.94
N THR G 28 13.63 -36.60 23.17
CA THR G 28 12.62 -35.91 22.38
C THR G 28 13.29 -34.91 21.44
N LEU G 29 12.71 -34.76 20.24
CA LEU G 29 13.27 -33.86 19.22
C LEU G 29 12.72 -32.45 19.30
N GLU G 30 11.47 -32.27 19.78
CA GLU G 30 10.82 -30.96 19.75
C GLU G 30 11.59 -29.90 20.52
N ASN G 31 12.49 -30.30 21.39
CA ASN G 31 13.30 -29.39 22.18
C ASN G 31 14.57 -28.94 21.46
N LYS G 32 14.89 -29.55 20.32
CA LYS G 32 16.21 -29.44 19.74
C LYS G 32 16.15 -28.88 18.31
N ALA G 33 17.30 -28.36 17.88
CA ALA G 33 17.57 -28.11 16.48
C ALA G 33 18.10 -29.41 15.86
N ILE G 34 17.74 -29.66 14.60
CA ILE G 34 18.10 -30.89 13.91
C ILE G 34 18.67 -30.49 12.56
N GLY G 35 19.95 -30.79 12.36
CA GLY G 35 20.65 -30.43 11.13
C GLY G 35 21.01 -31.69 10.35
N TRP G 36 21.03 -31.55 9.02
CA TRP G 36 21.45 -32.63 8.14
C TRP G 36 22.78 -32.27 7.49
N PHE G 37 23.63 -33.29 7.31
CA PHE G 37 24.95 -33.13 6.74
C PHE G 37 25.18 -34.22 5.71
N ARG G 38 26.12 -34.00 4.80
CA ARG G 38 26.45 -35.03 3.83
C ARG G 38 27.95 -35.14 3.67
N GLN G 39 28.39 -36.33 3.25
CA GLN G 39 29.82 -36.62 3.14
C GLN G 39 30.05 -37.69 2.08
N THR G 40 31.13 -37.54 1.34
CA THR G 40 31.65 -38.53 0.40
C THR G 40 33.08 -38.87 0.81
N PRO G 41 33.55 -40.08 0.48
CA PRO G 41 34.85 -40.53 1.03
C PRO G 41 35.96 -39.51 0.82
N GLY G 42 36.73 -39.29 1.88
CA GLY G 42 37.86 -38.39 1.82
C GLY G 42 37.49 -36.95 2.04
N SER G 43 36.35 -36.53 1.49
CA SER G 43 35.91 -35.16 1.61
C SER G 43 35.41 -34.88 3.03
N GLU G 44 35.25 -33.58 3.33
CA GLU G 44 34.79 -33.16 4.64
C GLU G 44 33.26 -33.21 4.70
N ARG G 45 32.74 -33.24 5.93
CA ARG G 45 31.30 -33.09 6.14
C ARG G 45 30.84 -31.74 5.63
N GLU G 46 29.70 -31.73 4.96
CA GLU G 46 29.09 -30.51 4.44
C GLU G 46 27.68 -30.41 5.04
N GLY G 47 27.38 -29.27 5.65
CA GLY G 47 26.03 -29.04 6.14
C GLY G 47 25.07 -28.83 4.98
N VAL G 48 23.86 -29.36 5.13
CA VAL G 48 22.80 -29.20 4.14
C VAL G 48 21.75 -28.22 4.64
N LEU G 49 20.94 -28.65 5.62
CA LEU G 49 19.77 -27.91 6.05
C LEU G 49 19.48 -28.26 7.50
N CYS G 50 19.02 -27.27 8.26
CA CYS G 50 18.72 -27.44 9.68
C CYS G 50 17.40 -26.76 9.99
N ILE G 51 16.65 -27.33 10.93
CA ILE G 51 15.45 -26.69 11.45
C ILE G 51 15.63 -26.48 12.95
N SER G 52 15.37 -25.25 13.41
CA SER G 52 15.63 -24.93 14.81
C SER G 52 14.48 -25.40 15.69
N LYS G 53 14.68 -25.26 17.01
CA LYS G 53 13.60 -25.49 17.96
C LYS G 53 12.32 -24.76 17.57
N SER G 54 12.45 -23.54 17.05
CA SER G 54 11.30 -22.70 16.73
C SER G 54 10.76 -22.90 15.32
N GLY G 55 11.29 -23.86 14.56
CA GLY G 55 10.79 -24.07 13.23
C GLY G 55 11.46 -23.24 12.14
N SER G 56 12.43 -22.41 12.49
CA SER G 56 13.17 -21.62 11.52
C SER G 56 14.15 -22.49 10.71
N TRP G 57 14.17 -22.32 9.39
CA TRP G 57 15.05 -23.10 8.54
C TRP G 57 16.38 -22.39 8.35
N THR G 58 17.48 -23.13 8.47
CA THR G 58 18.80 -22.64 8.12
C THR G 58 19.37 -23.48 6.99
N TYR G 59 19.66 -22.83 5.85
CA TYR G 59 20.40 -23.46 4.76
C TYR G 59 21.89 -23.25 5.01
N TYR G 60 22.62 -24.35 5.19
CA TYR G 60 24.04 -24.23 5.49
C TYR G 60 24.84 -23.90 4.24
N THR G 61 24.41 -24.40 3.10
CA THR G 61 24.97 -24.04 1.80
C THR G 61 23.80 -23.61 0.91
N ASP G 62 23.92 -22.44 0.30
CA ASP G 62 22.75 -21.88 -0.40
C ASP G 62 22.43 -22.65 -1.67
N SER G 63 23.40 -23.36 -2.26
CA SER G 63 23.14 -24.18 -3.42
C SER G 63 22.21 -25.35 -3.09
N MET G 64 22.16 -25.77 -1.83
CA MET G 64 21.23 -26.82 -1.42
C MET G 64 19.78 -26.39 -1.59
N ARG G 65 19.52 -25.10 -1.57
CA ARG G 65 18.15 -24.61 -1.56
C ARG G 65 17.41 -25.01 -2.83
N GLY G 66 16.09 -25.09 -2.73
CA GLY G 66 15.25 -25.46 -3.86
C GLY G 66 15.12 -26.94 -4.10
N ARG G 67 16.15 -27.72 -3.79
CA ARG G 67 16.04 -29.17 -3.84
C ARG G 67 15.73 -29.79 -2.48
N PHE G 68 16.06 -29.12 -1.39
CA PHE G 68 15.94 -29.67 -0.03
C PHE G 68 14.93 -28.85 0.77
N THR G 69 13.96 -29.54 1.36
CA THR G 69 13.08 -28.98 2.36
C THR G 69 13.14 -29.86 3.60
N ILE G 70 12.66 -29.33 4.73
CA ILE G 70 12.78 -30.02 6.00
C ILE G 70 11.47 -29.85 6.76
N SER G 71 11.16 -30.81 7.63
CA SER G 71 9.98 -30.69 8.47
C SER G 71 10.18 -31.52 9.73
N ARG G 72 9.49 -31.13 10.79
CA ARG G 72 9.52 -31.82 12.06
C ARG G 72 8.15 -32.37 12.36
N ASP G 73 8.10 -33.66 12.71
CA ASP G 73 6.86 -34.39 13.00
C ASP G 73 6.96 -34.95 14.41
N ASN G 74 6.32 -34.27 15.37
CA ASN G 74 6.45 -34.68 16.77
C ASN G 74 5.68 -35.97 17.06
N ALA G 75 4.54 -36.18 16.40
CA ALA G 75 3.74 -37.37 16.65
C ALA G 75 4.46 -38.65 16.26
N GLU G 76 5.58 -38.54 15.55
CA GLU G 76 6.42 -39.69 15.25
C GLU G 76 7.84 -39.53 15.77
N ASN G 77 8.14 -38.43 16.46
CA ASN G 77 9.48 -38.15 17.00
C ASN G 77 10.54 -38.19 15.90
N THR G 78 10.28 -37.47 14.81
CA THR G 78 11.07 -37.62 13.60
C THR G 78 11.17 -36.30 12.85
N VAL G 79 12.32 -36.06 12.24
CA VAL G 79 12.50 -34.97 11.28
C VAL G 79 12.78 -35.57 9.92
N TYR G 80 12.23 -34.96 8.88
CA TYR G 80 12.35 -35.45 7.52
C TYR G 80 13.12 -34.43 6.68
N LEU G 81 14.08 -34.92 5.90
CA LEU G 81 14.73 -34.13 4.87
C LEU G 81 14.16 -34.57 3.54
N GLN G 82 13.40 -33.70 2.89
CA GLN G 82 12.75 -34.00 1.63
C GLN G 82 13.65 -33.52 0.50
N MET G 83 14.01 -34.43 -0.40
CA MET G 83 14.94 -34.11 -1.48
C MET G 83 14.22 -34.31 -2.81
N ASP G 84 14.22 -33.28 -3.65
CA ASP G 84 13.57 -33.34 -4.96
C ASP G 84 14.52 -32.85 -6.03
N SER G 85 14.20 -33.20 -7.28
CA SER G 85 15.01 -32.80 -8.43
C SER G 85 16.50 -33.08 -8.18
N LEU G 86 16.79 -34.32 -7.78
CA LEU G 86 18.14 -34.67 -7.39
C LEU G 86 19.06 -34.72 -8.60
N LYS G 87 20.31 -34.30 -8.38
CA LYS G 87 21.37 -34.31 -9.37
C LYS G 87 22.46 -35.27 -8.94
N PRO G 88 23.27 -35.78 -9.87
CA PRO G 88 24.35 -36.70 -9.48
C PRO G 88 25.32 -36.11 -8.49
N GLU G 89 25.44 -34.77 -8.46
CA GLU G 89 26.26 -34.11 -7.45
C GLU G 89 25.72 -34.34 -6.04
N ASP G 90 24.46 -34.74 -5.88
CA ASP G 90 23.88 -34.94 -4.55
C ASP G 90 24.18 -36.30 -3.97
N THR G 91 24.71 -37.24 -4.77
CA THR G 91 25.16 -38.53 -4.25
C THR G 91 26.12 -38.34 -3.10
N ALA G 92 25.77 -38.90 -1.95
CA ALA G 92 26.58 -38.78 -0.75
C ALA G 92 25.93 -39.61 0.35
N VAL G 93 26.65 -39.74 1.48
CA VAL G 93 26.10 -40.29 2.71
C VAL G 93 25.57 -39.12 3.55
N TYR G 94 24.31 -39.22 3.98
CA TYR G 94 23.63 -38.12 4.67
C TYR G 94 23.44 -38.45 6.13
N TYR G 95 23.83 -37.51 7.00
CA TYR G 95 23.74 -37.70 8.45
C TYR G 95 22.82 -36.66 9.08
N CYS G 96 22.05 -37.07 10.07
CA CYS G 96 21.35 -36.09 10.89
C CYS G 96 22.03 -35.96 12.24
N ALA G 97 21.77 -34.84 12.91
CA ALA G 97 22.42 -34.52 14.18
C ALA G 97 21.57 -33.54 14.95
N THR G 98 21.66 -33.58 16.29
CA THR G 98 20.84 -32.74 17.16
C THR G 98 21.69 -32.01 18.19
N THR G 99 21.23 -30.81 18.55
CA THR G 99 21.79 -30.06 19.68
C THR G 99 20.68 -29.27 20.37
N THR G 100 20.89 -29.03 21.66
CA THR G 100 20.16 -28.02 22.41
C THR G 100 20.93 -26.72 22.50
N ALA G 101 22.19 -26.71 22.05
CA ALA G 101 23.08 -25.59 22.32
C ALA G 101 22.49 -24.29 21.80
N GLY G 102 22.65 -23.23 22.58
CA GLY G 102 22.06 -21.95 22.27
C GLY G 102 20.55 -21.89 22.37
N GLY G 103 19.91 -22.89 22.99
CA GLY G 103 18.47 -22.93 22.97
C GLY G 103 17.87 -23.58 21.74
N GLY G 104 18.62 -24.44 21.06
CA GLY G 104 18.10 -25.10 19.87
C GLY G 104 18.21 -24.27 18.61
N LEU G 105 19.33 -23.57 18.44
CA LEU G 105 19.59 -22.83 17.22
C LEU G 105 20.34 -23.70 16.24
N CYS G 106 20.35 -23.25 14.98
CA CYS G 106 20.99 -24.01 13.92
C CYS G 106 22.45 -23.63 13.69
N TRP G 107 22.93 -22.52 14.24
CA TRP G 107 24.36 -22.15 14.16
C TRP G 107 24.75 -22.06 12.68
N ASP G 108 25.98 -22.48 12.31
CA ASP G 108 26.30 -22.78 10.91
C ASP G 108 26.91 -24.18 10.83
N GLY G 109 27.29 -24.58 9.62
CA GLY G 109 27.71 -25.94 9.35
C GLY G 109 28.81 -26.48 10.25
N THR G 110 29.96 -25.80 10.28
CA THR G 110 31.10 -26.31 11.04
C THR G 110 30.85 -26.25 12.54
N THR G 111 30.24 -25.17 13.02
CA THR G 111 29.99 -25.08 14.45
C THR G 111 28.92 -26.07 14.90
N PHE G 112 27.83 -26.21 14.12
CA PHE G 112 26.76 -27.14 14.52
C PHE G 112 27.29 -28.56 14.61
N SER G 113 28.15 -28.96 13.68
CA SER G 113 28.70 -30.30 13.75
C SER G 113 29.62 -30.49 14.95
N ARG G 114 30.03 -29.41 15.61
CA ARG G 114 30.82 -29.51 16.83
C ARG G 114 29.95 -29.59 18.07
N LEU G 115 28.87 -28.82 18.11
CA LEU G 115 27.94 -28.86 19.23
C LEU G 115 26.97 -30.04 19.17
N ALA G 116 26.96 -30.81 18.08
CA ALA G 116 26.01 -31.90 17.97
C ALA G 116 26.33 -32.98 18.99
N SER G 117 25.35 -33.29 19.83
CA SER G 117 25.52 -34.29 20.88
C SER G 117 24.95 -35.64 20.50
N SER G 118 24.38 -35.78 19.31
CA SER G 118 23.94 -37.07 18.82
C SER G 118 24.06 -37.06 17.31
N TRP G 119 24.44 -38.21 16.74
CA TRP G 119 24.54 -38.39 15.29
C TRP G 119 23.85 -39.69 14.90
N GLY G 120 23.09 -39.64 13.82
CA GLY G 120 22.61 -40.86 13.20
C GLY G 120 23.73 -41.60 12.50
N GLN G 121 23.44 -42.84 12.10
CA GLN G 121 24.45 -43.69 11.49
C GLN G 121 24.69 -43.38 10.01
N GLY G 122 23.88 -42.51 9.43
CA GLY G 122 24.04 -42.18 8.02
C GLY G 122 23.18 -43.04 7.14
N THR G 123 22.82 -42.48 5.98
CA THR G 123 22.02 -43.20 5.01
C THR G 123 22.52 -42.84 3.62
N GLN G 124 22.67 -43.84 2.76
CA GLN G 124 23.33 -43.67 1.48
C GLN G 124 22.34 -43.19 0.44
N VAL G 125 22.72 -42.19 -0.32
CA VAL G 125 21.92 -41.65 -1.41
C VAL G 125 22.75 -41.71 -2.67
N THR G 126 22.27 -42.45 -3.66
CA THR G 126 22.97 -42.56 -4.94
C THR G 126 22.05 -42.04 -6.05
N VAL G 127 22.52 -41.03 -6.75
CA VAL G 127 21.79 -40.43 -7.86
C VAL G 127 22.48 -40.89 -9.14
N SER G 128 21.83 -41.78 -9.88
CA SER G 128 22.38 -42.22 -11.17
C SER G 128 21.29 -42.59 -12.15
N VAL H 2 -30.15 36.14 -23.97
CA VAL H 2 -29.36 35.42 -22.98
C VAL H 2 -29.27 36.24 -21.70
N GLN H 3 -29.23 35.57 -20.55
CA GLN H 3 -29.30 36.28 -19.28
C GLN H 3 -29.03 35.33 -18.13
N LEU H 4 -28.26 35.81 -17.14
CA LEU H 4 -27.98 35.05 -15.93
C LEU H 4 -28.81 35.62 -14.78
N VAL H 5 -29.56 34.75 -14.10
CA VAL H 5 -30.50 35.18 -13.07
C VAL H 5 -30.10 34.56 -11.74
N GLU H 6 -29.75 35.41 -10.77
CA GLU H 6 -29.45 34.93 -9.43
C GLU H 6 -30.69 35.06 -8.55
N SER H 7 -30.69 34.29 -7.48
CA SER H 7 -31.73 34.34 -6.45
C SER H 7 -31.21 33.57 -5.25
N GLY H 8 -31.91 33.72 -4.12
CA GLY H 8 -31.61 32.97 -2.94
C GLY H 8 -30.82 33.70 -1.88
N GLY H 9 -30.59 35.00 -2.05
CA GLY H 9 -29.93 35.78 -1.04
C GLY H 9 -30.92 36.28 -0.02
N GLY H 10 -30.47 37.26 0.76
CA GLY H 10 -31.29 37.85 1.79
C GLY H 10 -30.56 37.85 3.10
N LEU H 11 -31.34 37.97 4.18
CA LEU H 11 -30.78 38.08 5.52
C LEU H 11 -30.71 36.70 6.17
N VAL H 12 -29.67 36.49 6.97
CA VAL H 12 -29.46 35.25 7.71
C VAL H 12 -28.68 35.61 8.98
N GLN H 13 -28.95 34.88 10.06
CA GLN H 13 -28.21 35.08 11.29
C GLN H 13 -26.82 34.46 11.19
N PRO H 14 -25.85 34.93 11.98
CA PRO H 14 -24.52 34.29 11.97
C PRO H 14 -24.61 32.78 12.19
N GLY H 15 -23.62 32.05 11.70
CA GLY H 15 -23.66 30.61 11.73
C GLY H 15 -24.71 29.97 10.84
N GLY H 16 -25.61 30.76 10.26
CA GLY H 16 -26.59 30.22 9.35
C GLY H 16 -25.98 29.88 8.00
N SER H 17 -26.82 29.39 7.10
CA SER H 17 -26.40 28.95 5.79
C SER H 17 -27.38 29.46 4.73
N LEU H 18 -26.90 29.49 3.48
CA LEU H 18 -27.63 30.03 2.34
C LEU H 18 -27.20 29.32 1.07
N ARG H 19 -28.12 29.17 0.12
CA ARG H 19 -27.81 28.64 -1.20
C ARG H 19 -28.21 29.63 -2.27
N LEU H 20 -27.21 30.20 -2.95
CA LEU H 20 -27.46 31.06 -4.10
C LEU H 20 -27.52 30.25 -5.37
N SER H 21 -28.39 30.65 -6.28
CA SER H 21 -28.53 29.96 -7.55
C SER H 21 -28.23 30.92 -8.69
N CYS H 22 -27.69 30.37 -9.76
CA CYS H 22 -27.32 31.13 -10.95
C CYS H 22 -27.90 30.37 -12.14
N ALA H 23 -29.06 30.81 -12.62
CA ALA H 23 -29.78 30.11 -13.68
C ALA H 23 -29.65 30.87 -14.98
N ALA H 24 -29.35 30.16 -16.06
CA ALA H 24 -29.22 30.75 -17.37
C ALA H 24 -30.52 30.58 -18.15
N THR H 25 -30.79 31.54 -19.03
CA THR H 25 -31.95 31.50 -19.91
C THR H 25 -31.50 31.97 -21.29
N GLY H 26 -31.77 31.17 -22.31
CA GLY H 26 -31.36 31.50 -23.65
C GLY H 26 -29.99 31.00 -24.03
N PHE H 27 -29.33 30.23 -23.16
CA PHE H 27 -28.07 29.55 -23.46
C PHE H 27 -27.81 28.56 -22.35
N THR H 28 -26.89 27.64 -22.61
CA THR H 28 -26.65 26.54 -21.68
C THR H 28 -25.37 26.76 -20.88
N LEU H 29 -25.39 26.33 -19.62
CA LEU H 29 -24.22 26.38 -18.78
C LEU H 29 -23.30 25.19 -18.98
N GLU H 30 -23.70 24.21 -19.79
CA GLU H 30 -22.98 22.95 -19.87
C GLU H 30 -21.54 23.14 -20.30
N ASN H 31 -21.32 23.95 -21.35
CA ASN H 31 -19.99 24.16 -21.90
C ASN H 31 -19.29 25.36 -21.29
N LYS H 32 -19.70 25.80 -20.11
CA LYS H 32 -19.19 27.03 -19.55
C LYS H 32 -18.65 26.81 -18.13
N ALA H 33 -17.68 27.64 -17.77
CA ALA H 33 -17.27 27.80 -16.39
C ALA H 33 -18.14 28.86 -15.74
N ILE H 34 -18.48 28.67 -14.46
CA ILE H 34 -19.32 29.62 -13.75
C ILE H 34 -18.59 30.00 -12.47
N GLY H 35 -18.27 31.29 -12.34
CA GLY H 35 -17.53 31.80 -11.22
C GLY H 35 -18.40 32.74 -10.39
N TRP H 36 -18.15 32.74 -9.09
CA TRP H 36 -18.85 33.61 -8.16
C TRP H 36 -17.89 34.65 -7.61
N PHE H 37 -18.39 35.87 -7.50
CA PHE H 37 -17.64 37.00 -6.99
C PHE H 37 -18.49 37.73 -5.96
N ARG H 38 -17.84 38.42 -5.05
CA ARG H 38 -18.55 39.27 -4.12
C ARG H 38 -17.90 40.65 -4.06
N GLN H 39 -18.73 41.63 -3.69
CA GLN H 39 -18.30 43.01 -3.69
C GLN H 39 -19.04 43.76 -2.59
N THR H 40 -18.31 44.57 -1.84
CA THR H 40 -18.94 45.44 -0.87
C THR H 40 -18.86 46.88 -1.37
N PRO H 41 -19.68 47.80 -0.83
CA PRO H 41 -19.78 49.14 -1.42
C PRO H 41 -18.43 49.85 -1.47
N GLY H 42 -18.02 50.23 -2.68
CA GLY H 42 -16.74 50.87 -2.88
C GLY H 42 -15.53 49.97 -2.82
N SER H 43 -15.72 48.66 -2.73
CA SER H 43 -14.59 47.74 -2.72
C SER H 43 -14.44 47.11 -4.10
N GLU H 44 -13.25 46.58 -4.36
CA GLU H 44 -13.04 45.90 -5.62
C GLU H 44 -13.71 44.52 -5.57
N ARG H 45 -14.10 44.04 -6.75
CA ARG H 45 -14.59 42.67 -6.91
C ARG H 45 -13.61 41.67 -6.29
N GLU H 46 -14.15 40.62 -5.71
CA GLU H 46 -13.35 39.60 -5.06
C GLU H 46 -13.88 38.24 -5.49
N GLY H 47 -13.00 37.41 -6.05
CA GLY H 47 -13.42 36.09 -6.48
C GLY H 47 -13.67 35.17 -5.29
N VAL H 48 -14.72 34.36 -5.38
CA VAL H 48 -14.98 33.38 -4.35
C VAL H 48 -14.59 32.00 -4.86
N LEU H 49 -15.41 31.44 -5.75
CA LEU H 49 -15.29 30.06 -6.15
C LEU H 49 -15.87 29.92 -7.56
N CYS H 50 -15.30 29.00 -8.32
CA CYS H 50 -15.67 28.79 -9.71
C CYS H 50 -15.72 27.30 -9.97
N ILE H 51 -16.60 26.88 -10.88
CA ILE H 51 -16.65 25.49 -11.31
C ILE H 51 -16.48 25.50 -12.84
N SER H 52 -15.56 24.67 -13.31
CA SER H 52 -15.24 24.64 -14.74
C SER H 52 -16.27 23.80 -15.49
N LYS H 53 -16.16 23.84 -16.82
CA LYS H 53 -16.98 22.98 -17.65
C LYS H 53 -16.84 21.52 -17.25
N SER H 54 -15.63 21.08 -16.92
CA SER H 54 -15.39 19.70 -16.52
C SER H 54 -15.77 19.42 -15.07
N GLY H 55 -16.25 20.42 -14.33
CA GLY H 55 -16.68 20.22 -12.97
C GLY H 55 -15.61 20.33 -11.92
N SER H 56 -14.42 20.80 -12.26
CA SER H 56 -13.39 21.02 -11.26
C SER H 56 -13.61 22.35 -10.54
N TRP H 57 -13.40 22.32 -9.24
CA TRP H 57 -13.56 23.51 -8.42
C TRP H 57 -12.29 24.34 -8.40
N THR H 58 -12.43 25.65 -8.55
CA THR H 58 -11.31 26.57 -8.37
C THR H 58 -11.69 27.56 -7.27
N TYR H 59 -10.94 27.51 -6.16
CA TYR H 59 -11.03 28.52 -5.12
C TYR H 59 -10.19 29.73 -5.50
N TYR H 60 -10.83 30.90 -5.65
CA TYR H 60 -10.08 32.08 -6.05
C TYR H 60 -9.30 32.67 -4.89
N THR H 61 -9.85 32.62 -3.69
CA THR H 61 -9.10 32.96 -2.48
C THR H 61 -9.11 31.75 -1.58
N ASP H 62 -7.92 31.36 -1.09
CA ASP H 62 -7.82 30.14 -0.29
C ASP H 62 -8.71 30.19 0.95
N SER H 63 -8.69 31.32 1.67
CA SER H 63 -9.62 31.48 2.78
C SER H 63 -11.05 31.37 2.27
N MET H 64 -12.01 31.35 3.21
CA MET H 64 -13.42 31.12 2.88
C MET H 64 -13.60 29.80 2.10
N ARG H 65 -12.68 28.87 2.28
CA ARG H 65 -12.74 27.57 1.62
C ARG H 65 -13.58 26.57 2.40
N GLY H 66 -13.66 26.71 3.72
CA GLY H 66 -14.44 25.80 4.53
C GLY H 66 -15.90 26.17 4.70
N ARG H 67 -16.33 27.29 4.12
CA ARG H 67 -17.72 27.70 4.22
C ARG H 67 -18.45 27.73 2.88
N PHE H 68 -17.72 27.86 1.77
CA PHE H 68 -18.29 27.95 0.43
C PHE H 68 -18.02 26.67 -0.33
N THR H 69 -19.07 26.10 -0.93
CA THR H 69 -18.94 25.02 -1.91
C THR H 69 -19.82 25.35 -3.11
N ILE H 70 -19.69 24.57 -4.17
CA ILE H 70 -20.35 24.89 -5.43
C ILE H 70 -20.86 23.60 -6.05
N SER H 71 -21.89 23.71 -6.88
CA SER H 71 -22.36 22.56 -7.63
C SER H 71 -23.09 23.03 -8.89
N ARG H 72 -23.12 22.14 -9.86
CA ARG H 72 -23.78 22.37 -11.12
C ARG H 72 -24.86 21.32 -11.28
N ASP H 73 -26.07 21.77 -11.62
CA ASP H 73 -27.21 20.89 -11.90
C ASP H 73 -27.59 21.12 -13.35
N ASN H 74 -27.13 20.25 -14.25
CA ASN H 74 -27.40 20.48 -15.67
C ASN H 74 -28.88 20.32 -16.01
N ALA H 75 -29.63 19.55 -15.22
CA ALA H 75 -31.06 19.38 -15.49
C ALA H 75 -31.81 20.69 -15.27
N GLU H 76 -31.45 21.46 -14.25
CA GLU H 76 -32.06 22.75 -13.99
C GLU H 76 -31.29 23.92 -14.62
N ASN H 77 -30.22 23.64 -15.36
CA ASN H 77 -29.39 24.67 -16.01
C ASN H 77 -28.97 25.76 -15.02
N THR H 78 -28.49 25.33 -13.86
CA THR H 78 -28.26 26.20 -12.73
C THR H 78 -26.98 25.79 -12.03
N VAL H 79 -26.23 26.78 -11.55
CA VAL H 79 -25.09 26.54 -10.68
C VAL H 79 -25.45 27.12 -9.33
N TYR H 80 -25.07 26.41 -8.26
CA TYR H 80 -25.37 26.83 -6.90
C TYR H 80 -24.10 27.11 -6.12
N LEU H 81 -24.13 28.21 -5.38
CA LEU H 81 -23.11 28.52 -4.40
C LEU H 81 -23.69 28.25 -3.02
N GLN H 82 -23.10 27.29 -2.30
CA GLN H 82 -23.58 26.88 -1.00
C GLN H 82 -22.72 27.53 0.07
N MET H 83 -23.34 28.38 0.87
CA MET H 83 -22.67 29.15 1.91
C MET H 83 -23.13 28.60 3.26
N ASP H 84 -22.17 28.16 4.08
CA ASP H 84 -22.48 27.61 5.39
C ASP H 84 -21.71 28.38 6.45
N SER H 85 -22.22 28.31 7.68
CA SER H 85 -21.58 28.91 8.85
C SER H 85 -21.21 30.38 8.58
N LEU H 86 -22.22 31.14 8.20
CA LEU H 86 -21.98 32.48 7.68
C LEU H 86 -21.61 33.45 8.81
N LYS H 87 -20.62 34.29 8.53
CA LYS H 87 -20.11 35.27 9.46
C LYS H 87 -20.46 36.68 8.98
N PRO H 88 -20.49 37.65 9.89
CA PRO H 88 -20.85 39.03 9.49
C PRO H 88 -20.00 39.58 8.36
N GLU H 89 -18.70 39.25 8.34
CA GLU H 89 -17.82 39.70 7.27
C GLU H 89 -18.22 39.15 5.89
N ASP H 90 -19.18 38.24 5.81
CA ASP H 90 -19.60 37.73 4.51
C ASP H 90 -20.72 38.56 3.90
N THR H 91 -21.19 39.61 4.58
CA THR H 91 -22.24 40.46 4.03
C THR H 91 -21.70 41.19 2.81
N ALA H 92 -22.40 41.04 1.69
CA ALA H 92 -21.88 41.59 0.43
C ALA H 92 -22.91 41.33 -0.66
N VAL H 93 -22.68 41.94 -1.81
CA VAL H 93 -23.41 41.57 -3.00
C VAL H 93 -22.62 40.47 -3.67
N TYR H 94 -23.31 39.39 -4.04
CA TYR H 94 -22.72 38.25 -4.73
C TYR H 94 -23.20 38.21 -6.16
N TYR H 95 -22.25 37.99 -7.08
CA TYR H 95 -22.48 37.91 -8.50
C TYR H 95 -22.01 36.57 -9.04
N CYS H 96 -22.71 36.06 -10.04
CA CYS H 96 -22.18 34.97 -10.83
C CYS H 96 -21.86 35.48 -12.22
N ALA H 97 -20.95 34.78 -12.90
CA ALA H 97 -20.51 35.15 -14.24
C ALA H 97 -20.09 33.88 -14.97
N THR H 98 -20.19 33.92 -16.31
CA THR H 98 -19.89 32.75 -17.14
C THR H 98 -18.92 33.11 -18.25
N THR H 99 -18.16 32.10 -18.68
CA THR H 99 -17.29 32.24 -19.83
C THR H 99 -17.06 30.89 -20.48
N THR H 100 -16.80 30.92 -21.79
CA THR H 100 -16.29 29.76 -22.49
C THR H 100 -14.79 29.82 -22.72
N ALA H 101 -14.16 30.95 -22.41
CA ALA H 101 -12.76 31.17 -22.78
C ALA H 101 -11.88 30.04 -22.24
N GLY H 102 -10.95 29.57 -23.07
CA GLY H 102 -10.12 28.45 -22.71
C GLY H 102 -10.86 27.13 -22.63
N GLY H 103 -12.08 27.06 -23.16
CA GLY H 103 -12.84 25.83 -23.03
C GLY H 103 -13.47 25.67 -21.66
N GLY H 104 -14.07 26.72 -21.13
CA GLY H 104 -14.73 26.63 -19.84
C GLY H 104 -13.78 26.42 -18.68
N LEU H 105 -12.66 27.14 -18.66
CA LEU H 105 -11.74 27.14 -17.52
C LEU H 105 -12.13 28.22 -16.52
N CYS H 106 -11.59 28.06 -15.32
CA CYS H 106 -11.90 28.99 -14.24
C CYS H 106 -10.91 30.15 -14.13
N TRP H 107 -9.74 30.06 -14.76
CA TRP H 107 -8.77 31.16 -14.78
C TRP H 107 -8.45 31.55 -13.33
N ASP H 108 -8.19 32.83 -13.10
CA ASP H 108 -8.06 33.38 -11.76
C ASP H 108 -9.13 34.46 -11.60
N GLY H 109 -9.28 34.99 -10.38
CA GLY H 109 -10.32 35.98 -10.14
C GLY H 109 -10.29 37.12 -11.13
N THR H 110 -9.13 37.76 -11.29
CA THR H 110 -9.02 38.95 -12.13
C THR H 110 -9.23 38.62 -13.59
N THR H 111 -8.54 37.59 -14.10
CA THR H 111 -8.69 37.25 -15.51
C THR H 111 -10.10 36.78 -15.83
N PHE H 112 -10.70 35.95 -14.96
CA PHE H 112 -12.04 35.46 -15.25
C PHE H 112 -13.04 36.59 -15.34
N SER H 113 -12.93 37.60 -14.47
CA SER H 113 -13.86 38.72 -14.56
C SER H 113 -13.64 39.54 -15.83
N ARG H 114 -12.40 39.65 -16.32
CA ARG H 114 -12.20 40.27 -17.64
C ARG H 114 -12.80 39.44 -18.77
N LEU H 115 -12.69 38.11 -18.69
CA LEU H 115 -13.13 37.22 -19.75
C LEU H 115 -14.62 36.94 -19.74
N ALA H 116 -15.32 37.25 -18.65
CA ALA H 116 -16.72 36.85 -18.54
C ALA H 116 -17.55 37.58 -19.58
N SER H 117 -18.45 36.85 -20.23
CA SER H 117 -19.33 37.45 -21.23
C SER H 117 -20.77 37.59 -20.75
N SER H 118 -21.06 37.25 -19.50
CA SER H 118 -22.39 37.44 -18.95
C SER H 118 -22.28 37.48 -17.44
N TRP H 119 -23.03 38.39 -16.82
CA TRP H 119 -23.03 38.60 -15.37
C TRP H 119 -24.45 38.51 -14.85
N GLY H 120 -24.61 37.92 -13.67
CA GLY H 120 -25.88 38.01 -12.98
C GLY H 120 -26.14 39.43 -12.52
N GLN H 121 -27.38 39.68 -12.11
CA GLN H 121 -27.76 41.01 -11.64
C GLN H 121 -27.22 41.32 -10.26
N GLY H 122 -26.80 40.31 -9.50
CA GLY H 122 -26.32 40.54 -8.16
C GLY H 122 -27.40 40.25 -7.15
N THR H 123 -27.01 39.71 -5.99
CA THR H 123 -27.98 39.48 -4.93
C THR H 123 -27.30 39.81 -3.62
N GLN H 124 -27.95 40.66 -2.83
CA GLN H 124 -27.40 41.05 -1.54
C GLN H 124 -27.55 39.89 -0.56
N VAL H 125 -26.50 39.67 0.23
CA VAL H 125 -26.53 38.72 1.33
C VAL H 125 -26.16 39.49 2.58
N THR H 126 -27.01 39.37 3.61
CA THR H 126 -26.85 40.13 4.84
C THR H 126 -26.79 39.15 6.00
N VAL H 127 -25.68 39.14 6.72
CA VAL H 127 -25.47 38.23 7.83
C VAL H 127 -25.59 39.03 9.13
N SER H 128 -26.67 38.79 9.87
CA SER H 128 -26.80 39.24 11.27
C SER H 128 -27.99 38.58 11.96
#